data_7NAB
#
_entry.id   7NAB
#
_cell.length_a   82.762
_cell.length_b   85.241
_cell.length_c   87.067
_cell.angle_alpha   90.000
_cell.angle_beta   114.770
_cell.angle_gamma   90.000
#
_symmetry.space_group_name_H-M   'P 1 21 1'
#
loop_
_entity.id
_entity.type
_entity.pdbx_description
1 polymer 'CV3-25 Fab Heavy Chain'
2 polymer 'CV3-25 Fab Light Chain'
3 polymer 'Spike protein S2'
4 non-polymer 'SODIUM ION'
5 non-polymer 'CITRIC ACID'
6 water water
#
loop_
_entity_poly.entity_id
_entity_poly.type
_entity_poly.pdbx_seq_one_letter_code
_entity_poly.pdbx_strand_id
1 'polypeptide(L)'
;EVQLVESGAEVKKPGESLKISCKGSGYTFTRYWIGWVRQMPGKGLEWMGIIYPGDSDTRYSPSFQGHVTISADKSISTAY
LQWNSLKASDTAMYYCARLPQYCSNGVCQRWFDPWGQGTLVTVSSASTKGPSVFPLAPSSKSTSGGTAALGCLVKDYFPE
PVTVSWNSGALTSGVHTFPAVLQSSGLYSLSSVVTVPSSSLGTQTYICNVNHKPSNTKVDKKVEPKS
;
H,A
2 'polypeptide(L)'
;EIVLTQSPSSVSASVGDRVTITCRASQGISSWLAWYQQKPGKAPKLLIYAASSLQSGVPSRFSGSGSGTDFTLTISSLQP
EDFATYYCQQGNSFPYTFGQGTNLEIKRTVAAPSVFIFPPSDEQLKSGTASVVCLLNNFYPREAKVQWKVDNALQSGNSQ
ESVTEQDSKDSTYSLSSTLTLSKADYEKHKVYACEVTHQGLSSPVTKSFNRGE
;
L,B
3 'polypeptide(L)' PLQPELDSFKEELDKYFKNHTSPDVD(NH2) D,C
#
loop_
_chem_comp.id
_chem_comp.type
_chem_comp.name
_chem_comp.formula
CIT non-polymer 'CITRIC ACID' 'C6 H8 O7'
NA non-polymer 'SODIUM ION' 'Na 1'
NH2 non-polymer 'AMINO GROUP' 'H2 N'
#
# COMPACT_ATOMS: atom_id res chain seq x y z
N GLU A 1 -19.92 -0.91 -21.15
CA GLU A 1 -18.54 -0.78 -21.59
C GLU A 1 -17.86 -2.16 -21.58
N VAL A 2 -17.17 -2.49 -22.67
CA VAL A 2 -16.42 -3.73 -22.73
C VAL A 2 -15.20 -3.61 -21.83
N GLN A 3 -14.94 -4.64 -21.05
CA GLN A 3 -13.86 -4.54 -20.07
C GLN A 3 -13.27 -5.91 -19.82
N LEU A 4 -11.94 -5.96 -19.69
CA LEU A 4 -11.21 -7.16 -19.28
C LEU A 4 -10.49 -6.85 -17.97
N VAL A 5 -10.71 -7.66 -16.97
CA VAL A 5 -10.08 -7.48 -15.67
C VAL A 5 -9.20 -8.66 -15.37
N GLU A 6 -7.95 -8.39 -15.06
CA GLU A 6 -7.01 -9.44 -14.78
C GLU A 6 -6.63 -9.60 -13.34
N SER A 7 -5.94 -10.68 -13.01
CA SER A 7 -5.59 -10.98 -11.64
C SER A 7 -4.43 -10.19 -11.04
N GLY A 8 -4.25 -10.27 -9.72
CA GLY A 8 -3.26 -9.43 -9.08
C GLY A 8 -1.84 -9.88 -9.34
N ALA A 9 -0.91 -8.98 -9.05
CA ALA A 9 0.50 -9.23 -9.28
C ALA A 9 0.98 -10.44 -8.48
N GLU A 10 1.95 -11.15 -9.05
CA GLU A 10 2.44 -12.38 -8.45
C GLU A 10 3.96 -12.31 -8.31
N VAL A 11 4.45 -12.79 -7.18
CA VAL A 11 5.89 -12.96 -6.96
C VAL A 11 6.12 -14.45 -6.71
N LYS A 12 6.90 -15.07 -7.58
CA LYS A 12 7.05 -16.50 -7.57
C LYS A 12 8.53 -16.83 -7.63
N LYS A 13 8.88 -18.14 -7.16
CA LYS A 13 10.23 -18.64 -7.30
C LYS A 13 10.31 -19.55 -8.53
N PRO A 14 11.49 -19.68 -9.14
CA PRO A 14 11.59 -20.50 -10.36
C PRO A 14 11.18 -21.94 -10.07
N GLY A 15 10.51 -22.56 -11.05
CA GLY A 15 10.01 -23.90 -10.91
C GLY A 15 8.61 -24.01 -10.33
N GLU A 16 8.06 -22.94 -9.75
CA GLU A 16 6.71 -23.04 -9.21
C GLU A 16 5.66 -22.99 -10.34
N SER A 17 4.43 -23.32 -9.97
CA SER A 17 3.31 -23.24 -10.90
C SER A 17 2.62 -21.89 -10.75
N LEU A 18 1.98 -21.43 -11.83
CA LEU A 18 1.24 -20.18 -11.77
C LEU A 18 0.11 -20.21 -12.78
N LYS A 19 -1.07 -19.76 -12.34
CA LYS A 19 -2.21 -19.56 -13.24
C LYS A 19 -2.73 -18.13 -13.04
N ILE A 20 -2.83 -17.37 -14.12
CA ILE A 20 -3.40 -16.01 -14.01
C ILE A 20 -4.63 -15.96 -14.91
N SER A 21 -5.48 -14.96 -14.64
CA SER A 21 -6.83 -14.96 -15.16
C SER A 21 -7.19 -13.60 -15.75
N CYS A 22 -8.19 -13.63 -16.62
CA CYS A 22 -8.66 -12.47 -17.37
C CYS A 22 -10.17 -12.63 -17.53
N LYS A 23 -10.95 -11.82 -16.83
CA LYS A 23 -12.41 -11.91 -16.88
C LYS A 23 -12.97 -10.81 -17.77
N GLY A 24 -13.84 -11.20 -18.69
CA GLY A 24 -14.47 -10.27 -19.61
C GLY A 24 -15.89 -9.93 -19.16
N SER A 25 -16.34 -8.72 -19.52
CA SER A 25 -17.68 -8.27 -19.23
C SER A 25 -18.07 -7.23 -20.27
N GLY A 26 -19.37 -7.03 -20.43
CA GLY A 26 -19.88 -6.04 -21.37
C GLY A 26 -20.02 -6.53 -22.79
N TYR A 27 -19.72 -7.79 -23.01
CA TYR A 27 -19.86 -8.40 -24.32
C TYR A 27 -20.08 -9.88 -24.15
N THR A 28 -20.44 -10.55 -25.22
CA THR A 28 -20.60 -11.98 -25.17
C THR A 28 -19.24 -12.64 -25.33
N PHE A 29 -18.67 -13.11 -24.24
CA PHE A 29 -17.34 -13.71 -24.23
C PHE A 29 -17.10 -14.80 -25.25
N THR A 30 -18.10 -15.64 -25.45
CA THR A 30 -17.89 -16.76 -26.36
C THR A 30 -17.92 -16.36 -27.84
N ARG A 31 -17.97 -15.06 -28.16
CA ARG A 31 -18.06 -14.63 -29.55
C ARG A 31 -16.87 -13.79 -30.01
N TYR A 32 -15.77 -13.79 -29.26
CA TYR A 32 -14.54 -13.14 -29.67
C TYR A 32 -13.35 -13.98 -29.25
N TRP A 33 -12.40 -14.13 -30.17
CA TRP A 33 -11.10 -14.64 -29.78
C TRP A 33 -10.50 -13.78 -28.67
N ILE A 34 -9.66 -14.41 -27.84
CA ILE A 34 -9.01 -13.79 -26.69
C ILE A 34 -7.52 -14.05 -26.84
N GLY A 35 -6.68 -13.04 -26.60
CA GLY A 35 -5.26 -13.17 -26.79
C GLY A 35 -4.46 -12.82 -25.54
N TRP A 36 -3.22 -13.30 -25.52
CA TRP A 36 -2.26 -12.99 -24.47
C TRP A 36 -1.01 -12.39 -25.09
N VAL A 37 -0.47 -11.37 -24.44
CA VAL A 37 0.72 -10.66 -24.88
C VAL A 37 1.67 -10.51 -23.70
N ARG A 38 2.96 -10.75 -23.94
CA ARG A 38 3.99 -10.55 -22.93
C ARG A 38 4.73 -9.26 -23.22
N GLN A 39 5.06 -8.52 -22.16
CA GLN A 39 5.91 -7.34 -22.28
C GLN A 39 6.98 -7.43 -21.20
N MET A 40 8.21 -7.76 -21.60
CA MET A 40 9.32 -7.83 -20.66
C MET A 40 9.74 -6.42 -20.22
N PRO A 41 10.35 -6.29 -19.04
CA PRO A 41 10.64 -4.95 -18.48
C PRO A 41 11.44 -4.10 -19.45
N GLY A 42 10.89 -2.92 -19.76
CA GLY A 42 11.51 -1.99 -20.68
C GLY A 42 11.56 -2.45 -22.13
N LYS A 43 10.72 -3.40 -22.52
CA LYS A 43 10.72 -3.94 -23.89
C LYS A 43 9.34 -3.75 -24.54
N GLY A 44 9.19 -4.34 -25.71
CA GLY A 44 7.97 -4.23 -26.47
C GLY A 44 7.01 -5.37 -26.22
N LEU A 45 6.07 -5.50 -27.14
CA LEU A 45 4.92 -6.39 -27.00
C LEU A 45 5.15 -7.63 -27.85
N GLU A 46 4.94 -8.80 -27.24
CA GLU A 46 5.14 -10.10 -27.90
C GLU A 46 3.85 -10.91 -27.81
N TRP A 47 3.29 -11.27 -28.97
CA TRP A 47 2.08 -12.09 -28.99
C TRP A 47 2.38 -13.52 -28.59
N MET A 48 1.57 -14.09 -27.69
CA MET A 48 1.81 -15.43 -27.14
C MET A 48 0.86 -16.49 -27.70
N GLY A 49 -0.41 -16.17 -27.83
CA GLY A 49 -1.39 -17.14 -28.32
C GLY A 49 -2.77 -16.49 -28.32
N ILE A 50 -3.74 -17.24 -28.83
CA ILE A 50 -5.14 -16.83 -28.80
C ILE A 50 -5.99 -18.06 -28.49
N ILE A 51 -7.19 -17.83 -27.96
CA ILE A 51 -8.17 -18.88 -27.72
C ILE A 51 -9.56 -18.37 -28.14
N TYR A 52 -10.39 -19.27 -28.67
CA TYR A 52 -11.81 -18.95 -28.90
C TYR A 52 -12.64 -19.56 -27.78
N PRO A 53 -13.20 -18.75 -26.87
CA PRO A 53 -13.92 -19.33 -25.70
C PRO A 53 -15.15 -20.16 -26.05
N GLY A 54 -15.74 -19.94 -27.24
CA GLY A 54 -16.84 -20.81 -27.67
C GLY A 54 -16.50 -22.28 -27.58
N ASP A 55 -15.34 -22.67 -28.09
CA ASP A 55 -14.97 -24.08 -28.11
C ASP A 55 -13.55 -24.37 -27.63
N SER A 56 -12.85 -23.38 -27.07
CA SER A 56 -11.48 -23.48 -26.55
C SER A 56 -10.45 -23.91 -27.60
N ASP A 57 -10.74 -23.67 -28.88
CA ASP A 57 -9.71 -23.81 -29.92
C ASP A 57 -8.59 -22.80 -29.66
N THR A 58 -7.34 -23.26 -29.64
CA THR A 58 -6.21 -22.37 -29.37
C THR A 58 -5.21 -22.38 -30.51
N ARG A 59 -4.43 -21.30 -30.57
CA ARG A 59 -3.38 -21.16 -31.56
C ARG A 59 -2.22 -20.47 -30.85
N TYR A 60 -1.09 -21.14 -30.71
CA TYR A 60 0.08 -20.59 -30.02
C TYR A 60 1.08 -19.99 -31.01
N SER A 61 1.79 -18.98 -30.53
CA SER A 61 3.00 -18.57 -31.21
C SER A 61 4.06 -19.65 -31.04
N PRO A 62 4.86 -19.92 -32.09
CA PRO A 62 5.96 -20.90 -31.95
C PRO A 62 6.90 -20.60 -30.79
N SER A 63 7.13 -19.32 -30.46
CA SER A 63 8.05 -18.94 -29.39
C SER A 63 7.53 -19.33 -28.00
N PHE A 64 6.23 -19.59 -27.85
CA PHE A 64 5.66 -19.87 -26.54
C PHE A 64 4.99 -21.24 -26.44
N GLN A 65 4.74 -21.91 -27.54
CA GLN A 65 4.16 -23.24 -27.49
C GLN A 65 5.05 -24.18 -26.65
N GLY A 66 4.45 -24.94 -25.75
CA GLY A 66 5.20 -25.84 -24.92
C GLY A 66 5.39 -25.42 -23.48
N HIS A 67 5.68 -24.15 -23.25
CA HIS A 67 5.96 -23.65 -21.91
C HIS A 67 4.74 -23.06 -21.23
N VAL A 68 3.77 -22.66 -22.02
CA VAL A 68 2.58 -22.05 -21.47
C VAL A 68 1.29 -22.66 -22.01
N THR A 69 0.24 -22.72 -21.20
CA THR A 69 -1.04 -23.26 -21.63
C THR A 69 -2.11 -22.18 -21.52
N ILE A 70 -2.87 -21.98 -22.60
CA ILE A 70 -3.97 -21.03 -22.61
C ILE A 70 -5.26 -21.83 -22.51
N SER A 71 -6.17 -21.40 -21.63
CA SER A 71 -7.46 -22.07 -21.51
C SER A 71 -8.56 -21.05 -21.22
N ALA A 72 -9.80 -21.53 -21.16
CA ALA A 72 -10.93 -20.67 -20.85
C ALA A 72 -12.04 -21.46 -20.17
N ASP A 73 -12.80 -20.76 -19.34
CA ASP A 73 -14.01 -21.26 -18.70
C ASP A 73 -15.14 -20.33 -19.13
N LYS A 74 -15.84 -20.70 -20.20
CA LYS A 74 -16.91 -19.84 -20.71
C LYS A 74 -18.05 -19.67 -19.72
N SER A 75 -18.24 -20.63 -18.81
CA SER A 75 -19.27 -20.46 -17.79
C SER A 75 -19.06 -19.26 -16.87
N ILE A 76 -17.82 -18.76 -16.74
CA ILE A 76 -17.57 -17.58 -15.92
C ILE A 76 -16.85 -16.50 -16.73
N SER A 77 -16.86 -16.63 -18.06
CA SER A 77 -16.37 -15.60 -18.97
C SER A 77 -14.92 -15.25 -18.67
N THR A 78 -14.11 -16.25 -18.32
CA THR A 78 -12.74 -16.06 -17.87
C THR A 78 -11.78 -16.87 -18.74
N ALA A 79 -10.68 -16.23 -19.18
CA ALA A 79 -9.57 -16.91 -19.84
C ALA A 79 -8.34 -16.92 -18.93
N TYR A 80 -7.41 -17.85 -19.23
CA TYR A 80 -6.31 -18.15 -18.33
C TYR A 80 -4.99 -18.30 -19.08
N LEU A 81 -3.91 -18.02 -18.38
CA LEU A 81 -2.58 -18.25 -18.91
C LEU A 81 -1.92 -19.05 -17.78
N GLN A 82 -1.40 -20.24 -18.07
CA GLN A 82 -0.83 -21.10 -17.04
C GLN A 82 0.55 -21.70 -17.31
N TRP A 83 1.40 -21.73 -16.30
CA TRP A 83 2.73 -22.31 -16.44
C TRP A 83 2.88 -23.43 -15.43
N ASN A 84 3.50 -24.56 -15.82
CA ASN A 84 3.78 -25.65 -14.88
C ASN A 84 5.07 -25.41 -14.11
N SER A 85 6.03 -24.69 -14.70
CA SER A 85 7.35 -24.57 -14.09
C SER A 85 7.96 -23.23 -14.54
N LEU A 86 7.71 -22.19 -13.75
CA LEU A 86 8.15 -20.85 -14.11
C LEU A 86 9.67 -20.77 -14.16
N LYS A 87 10.15 -19.91 -15.07
CA LYS A 87 11.55 -19.53 -15.17
C LYS A 87 11.70 -18.03 -14.90
N ALA A 88 12.88 -17.63 -14.40
CA ALA A 88 13.12 -16.22 -14.15
C ALA A 88 12.95 -15.38 -15.41
N SER A 89 13.22 -15.97 -16.58
CA SER A 89 12.99 -15.33 -17.86
C SER A 89 11.50 -15.13 -18.17
N ASP A 90 10.59 -15.60 -17.31
CA ASP A 90 9.16 -15.29 -17.46
C ASP A 90 8.79 -13.96 -16.80
N THR A 91 9.71 -13.33 -16.09
CA THR A 91 9.43 -12.08 -15.41
C THR A 91 9.01 -11.01 -16.43
N ALA A 92 7.77 -10.55 -16.32
CA ALA A 92 7.17 -9.65 -17.31
C ALA A 92 5.81 -9.17 -16.84
N MET A 93 5.33 -8.13 -17.50
CA MET A 93 3.92 -7.78 -17.54
C MET A 93 3.21 -8.66 -18.57
N TYR A 94 2.08 -9.24 -18.19
CA TYR A 94 1.23 -10.00 -19.11
C TYR A 94 -0.10 -9.27 -19.31
N TYR A 95 -0.52 -9.15 -20.57
CA TYR A 95 -1.82 -8.58 -20.91
C TYR A 95 -2.66 -9.64 -21.61
N CYS A 96 -3.95 -9.63 -21.33
CA CYS A 96 -4.93 -10.26 -22.20
C CYS A 96 -5.63 -9.17 -23.00
N ALA A 97 -6.20 -9.56 -24.13
CA ALA A 97 -6.97 -8.61 -24.93
C ALA A 97 -7.97 -9.36 -25.78
N ARG A 98 -9.10 -8.70 -26.01
CA ARG A 98 -10.08 -9.17 -26.96
C ARG A 98 -9.57 -8.91 -28.37
N LEU A 99 -9.90 -9.81 -29.29
CA LEU A 99 -9.47 -9.66 -30.69
C LEU A 99 -10.69 -9.58 -31.62
N PRO A 100 -11.26 -8.41 -31.83
CA PRO A 100 -12.26 -8.28 -32.90
C PRO A 100 -11.64 -8.66 -34.24
N GLN A 101 -12.48 -9.14 -35.15
CA GLN A 101 -11.98 -9.62 -36.43
C GLN A 101 -12.88 -9.18 -37.56
N TYR A 102 -12.28 -9.07 -38.74
CA TYR A 102 -13.01 -8.96 -40.00
C TYR A 102 -12.72 -10.21 -40.82
N CYS A 103 -13.77 -10.79 -41.42
CA CYS A 103 -13.65 -12.05 -42.14
C CYS A 103 -14.38 -11.99 -43.46
N SER A 104 -13.79 -12.59 -44.47
CA SER A 104 -14.46 -12.67 -45.75
C SER A 104 -14.07 -14.02 -46.27
N ASN A 105 -15.05 -14.92 -46.57
CA ASN A 105 -14.84 -16.24 -47.15
C ASN A 105 -14.03 -17.15 -46.22
N GLY A 106 -14.31 -17.07 -44.92
CA GLY A 106 -13.62 -17.86 -43.92
C GLY A 106 -12.23 -17.37 -43.52
N VAL A 107 -11.73 -16.30 -44.11
CA VAL A 107 -10.38 -15.82 -43.87
C VAL A 107 -10.46 -14.59 -42.98
N CYS A 108 -9.82 -14.64 -41.81
CA CYS A 108 -10.02 -13.63 -40.79
C CYS A 108 -8.74 -12.88 -40.46
N GLN A 109 -8.89 -11.60 -40.12
CA GLN A 109 -7.79 -10.72 -39.78
C GLN A 109 -8.14 -10.02 -38.47
N ARG A 110 -7.14 -9.96 -37.56
CA ARG A 110 -7.36 -9.49 -36.20
C ARG A 110 -6.48 -8.41 -35.65
N TRP A 111 -7.01 -7.68 -34.68
CA TRP A 111 -6.31 -6.59 -33.99
C TRP A 111 -6.77 -6.71 -32.54
N PHE A 112 -6.23 -5.92 -31.64
CA PHE A 112 -6.54 -6.08 -30.22
C PHE A 112 -7.27 -4.94 -29.56
N ASP A 113 -8.52 -5.15 -29.14
CA ASP A 113 -9.32 -4.14 -28.42
C ASP A 113 -10.47 -4.81 -27.69
N PRO A 114 -10.69 -4.48 -26.44
CA PRO A 114 -9.79 -3.74 -25.58
C PRO A 114 -8.74 -4.58 -24.86
N TRP A 115 -7.95 -3.94 -24.03
CA TRP A 115 -6.91 -4.63 -23.32
C TRP A 115 -7.12 -4.59 -21.83
N GLY A 116 -6.73 -5.66 -21.15
CA GLY A 116 -6.80 -5.69 -19.71
C GLY A 116 -5.73 -4.82 -19.08
N GLN A 117 -5.85 -4.58 -17.79
CA GLN A 117 -4.91 -3.67 -17.14
C GLN A 117 -3.53 -4.29 -16.93
N GLY A 118 -3.40 -5.60 -17.08
CA GLY A 118 -2.11 -6.27 -17.01
C GLY A 118 -1.91 -6.95 -15.67
N THR A 119 -1.19 -8.08 -15.69
CA THR A 119 -0.78 -8.81 -14.49
C THR A 119 0.75 -8.85 -14.45
N LEU A 120 1.34 -8.27 -13.41
CA LEU A 120 2.79 -8.28 -13.24
C LEU A 120 3.25 -9.58 -12.58
N VAL A 121 4.26 -10.21 -13.16
CA VAL A 121 4.77 -11.51 -12.72
C VAL A 121 6.27 -11.39 -12.54
N THR A 122 6.74 -11.60 -11.31
CA THR A 122 8.16 -11.56 -10.98
C THR A 122 8.58 -12.96 -10.53
N VAL A 123 9.51 -13.56 -11.25
CA VAL A 123 10.01 -14.88 -10.89
C VAL A 123 11.47 -14.79 -10.48
N SER A 124 11.76 -15.07 -9.21
CA SER A 124 13.13 -15.00 -8.69
C SER A 124 13.50 -15.96 -7.57
N SER A 125 14.77 -16.32 -7.47
CA SER A 125 15.29 -17.14 -6.36
C SER A 125 15.30 -16.38 -5.04
N ALA A 126 15.44 -15.08 -5.13
CA ALA A 126 15.51 -14.25 -3.95
C ALA A 126 14.33 -14.31 -3.06
N SER A 127 14.55 -13.92 -1.81
CA SER A 127 13.51 -13.99 -0.84
C SER A 127 13.26 -12.58 -0.35
N THR A 128 12.12 -12.34 0.26
CA THR A 128 11.77 -10.99 0.67
C THR A 128 12.81 -10.37 1.57
N LYS A 129 13.21 -9.15 1.26
CA LYS A 129 14.24 -8.48 2.02
C LYS A 129 14.11 -6.98 1.99
N GLY A 130 14.20 -6.36 3.14
CA GLY A 130 14.16 -4.92 3.27
C GLY A 130 15.48 -4.28 2.94
N PRO A 131 15.43 -3.03 2.49
CA PRO A 131 16.64 -2.37 2.00
C PRO A 131 17.52 -1.83 3.12
N SER A 132 18.80 -1.68 2.81
CA SER A 132 19.69 -0.81 3.57
C SER A 132 19.69 0.57 2.92
N VAL A 133 19.72 1.61 3.75
CA VAL A 133 19.63 3.00 3.30
C VAL A 133 20.89 3.74 3.73
N PHE A 134 21.67 4.20 2.74
CA PHE A 134 22.94 4.88 2.92
C PHE A 134 22.86 6.33 2.45
N PRO A 135 23.46 7.26 3.17
CA PRO A 135 23.45 8.66 2.73
C PRO A 135 24.40 8.93 1.57
N LEU A 136 23.96 9.81 0.67
CA LEU A 136 24.80 10.37 -0.40
C LEU A 136 25.06 11.82 0.01
N ALA A 137 26.20 12.04 0.71
CA ALA A 137 26.42 13.33 1.36
C ALA A 137 26.93 14.36 0.35
N PRO A 138 26.45 15.61 0.45
CA PRO A 138 27.02 16.67 -0.39
C PRO A 138 28.45 16.96 0.03
N SER A 139 29.30 17.16 -0.96
CA SER A 139 30.70 17.47 -0.69
C SER A 139 30.88 18.88 -0.22
N SER A 140 32.03 19.15 0.38
CA SER A 140 32.33 20.51 0.82
C SER A 140 32.40 21.40 -0.39
N LYS A 141 32.91 20.86 -1.50
CA LYS A 141 33.03 21.62 -2.72
C LYS A 141 31.71 21.70 -3.44
N SER A 142 30.75 22.43 -2.88
CA SER A 142 29.46 22.59 -3.50
C SER A 142 29.55 23.78 -4.43
N THR A 143 30.25 23.60 -5.54
CA THR A 143 30.49 24.71 -6.44
C THR A 143 29.67 24.71 -7.72
N SER A 144 28.71 23.81 -7.86
CA SER A 144 27.84 23.87 -9.02
C SER A 144 26.95 25.05 -8.72
N GLY A 145 27.47 26.25 -8.87
CA GLY A 145 26.73 27.43 -8.48
C GLY A 145 26.63 27.51 -6.95
N GLY A 146 25.53 28.06 -6.48
CA GLY A 146 25.19 27.90 -5.08
C GLY A 146 24.18 26.79 -4.93
N THR A 147 24.41 25.65 -5.59
CA THR A 147 23.51 24.51 -5.61
C THR A 147 24.27 23.25 -5.23
N ALA A 148 23.81 22.56 -4.18
CA ALA A 148 24.40 21.30 -3.74
C ALA A 148 23.48 20.14 -4.10
N ALA A 149 24.07 18.95 -4.23
CA ALA A 149 23.28 17.75 -4.46
C ALA A 149 23.54 16.77 -3.33
N LEU A 150 22.46 16.11 -2.89
CA LEU A 150 22.58 15.07 -1.88
C LEU A 150 21.51 14.02 -2.15
N GLY A 151 21.64 12.87 -1.50
CA GLY A 151 20.66 11.83 -1.74
C GLY A 151 20.77 10.67 -0.76
N CYS A 152 20.04 9.60 -1.09
CA CYS A 152 20.04 8.35 -0.35
C CYS A 152 20.14 7.20 -1.32
N LEU A 153 21.02 6.25 -1.04
CA LEU A 153 21.12 5.01 -1.79
C LEU A 153 20.33 3.92 -1.06
N VAL A 154 19.29 3.39 -1.73
CA VAL A 154 18.41 2.38 -1.17
C VAL A 154 18.79 1.03 -1.79
N LYS A 155 19.57 0.24 -1.05
CA LYS A 155 20.26 -0.91 -1.62
C LYS A 155 19.73 -2.25 -1.08
N ASP A 156 19.77 -3.25 -1.96
CA ASP A 156 19.64 -4.68 -1.64
C ASP A 156 18.28 -5.03 -1.01
N TYR A 157 17.21 -4.82 -1.79
CA TYR A 157 15.87 -5.16 -1.33
C TYR A 157 15.16 -6.00 -2.39
N PHE A 158 14.07 -6.63 -1.95
CA PHE A 158 13.27 -7.54 -2.77
C PHE A 158 11.94 -7.82 -2.09
N PRO A 159 10.82 -7.84 -2.86
CA PRO A 159 10.77 -7.44 -4.27
C PRO A 159 10.45 -5.95 -4.42
N GLU A 160 10.14 -5.51 -5.64
CA GLU A 160 9.69 -4.14 -5.86
C GLU A 160 8.32 -3.92 -5.23
N PRO A 161 7.97 -2.68 -4.84
CA PRO A 161 8.71 -1.42 -4.87
C PRO A 161 9.12 -0.90 -3.50
N VAL A 162 10.00 0.10 -3.48
CA VAL A 162 10.09 1.02 -2.35
C VAL A 162 9.47 2.33 -2.77
N THR A 163 9.09 3.14 -1.79
CA THR A 163 8.80 4.54 -2.01
C THR A 163 9.76 5.36 -1.17
N VAL A 164 10.07 6.55 -1.64
CA VAL A 164 10.99 7.43 -0.97
C VAL A 164 10.33 8.80 -0.91
N SER A 165 10.37 9.41 0.27
CA SER A 165 9.97 10.79 0.46
C SER A 165 11.14 11.54 1.09
N TRP A 166 11.04 12.86 1.10
CA TRP A 166 12.05 13.69 1.73
C TRP A 166 11.40 14.61 2.76
N ASN A 167 12.04 14.72 3.92
CA ASN A 167 11.54 15.54 5.03
C ASN A 167 10.07 15.25 5.32
N SER A 168 9.72 13.96 5.33
CA SER A 168 8.38 13.46 5.57
C SER A 168 7.35 14.02 4.59
N GLY A 169 7.78 14.44 3.40
CA GLY A 169 6.88 14.97 2.40
C GLY A 169 6.91 16.48 2.26
N ALA A 170 7.56 17.20 3.19
CA ALA A 170 7.65 18.65 3.06
C ALA A 170 8.65 19.11 2.00
N LEU A 171 9.48 18.20 1.46
CA LEU A 171 10.48 18.55 0.46
C LEU A 171 10.21 17.72 -0.80
N THR A 172 9.85 18.41 -1.90
CA THR A 172 9.54 17.72 -3.16
C THR A 172 10.29 18.36 -4.32
N SER A 173 10.55 19.66 -4.22
CA SER A 173 11.18 20.41 -5.29
C SER A 173 12.60 19.92 -5.53
N GLY A 174 12.90 19.58 -6.79
CA GLY A 174 14.21 19.07 -7.14
C GLY A 174 14.48 17.63 -6.77
N VAL A 175 13.47 16.88 -6.35
CA VAL A 175 13.65 15.46 -6.06
C VAL A 175 13.60 14.66 -7.35
N HIS A 176 14.56 13.75 -7.53
CA HIS A 176 14.52 12.74 -8.57
C HIS A 176 14.73 11.39 -7.92
N THR A 177 13.75 10.51 -8.06
CA THR A 177 13.84 9.14 -7.56
C THR A 177 13.95 8.23 -8.77
N PHE A 178 15.13 7.63 -8.93
CA PHE A 178 15.44 6.88 -10.15
C PHE A 178 14.72 5.53 -10.14
N PRO A 179 14.47 4.97 -11.34
CA PRO A 179 13.94 3.59 -11.38
C PRO A 179 14.96 2.62 -10.80
N ALA A 180 14.44 1.54 -10.22
CA ALA A 180 15.32 0.53 -9.63
C ALA A 180 16.08 -0.20 -10.73
N VAL A 181 17.26 -0.68 -10.38
CA VAL A 181 18.00 -1.61 -11.24
C VAL A 181 18.16 -2.91 -10.47
N LEU A 182 18.01 -4.02 -11.19
CA LEU A 182 18.21 -5.34 -10.64
C LEU A 182 19.70 -5.67 -10.73
N GLN A 183 20.32 -5.87 -9.57
CA GLN A 183 21.72 -6.23 -9.47
C GLN A 183 21.92 -7.71 -9.73
N SER A 184 23.17 -8.07 -10.07
CA SER A 184 23.47 -9.47 -10.35
C SER A 184 23.09 -10.38 -9.19
N SER A 185 23.02 -9.83 -7.97
CA SER A 185 22.67 -10.61 -6.78
C SER A 185 21.22 -11.06 -6.75
N GLY A 186 20.36 -10.49 -7.59
CA GLY A 186 18.93 -10.74 -7.48
C GLY A 186 18.17 -9.73 -6.65
N LEU A 187 18.86 -8.81 -5.99
CA LEU A 187 18.23 -7.76 -5.21
C LEU A 187 18.20 -6.47 -6.01
N TYR A 188 17.20 -5.64 -5.71
CA TYR A 188 17.05 -4.35 -6.37
C TYR A 188 17.79 -3.26 -5.63
N SER A 189 17.95 -2.12 -6.29
CA SER A 189 18.62 -0.97 -5.71
C SER A 189 18.18 0.27 -6.44
N LEU A 190 17.98 1.36 -5.70
CA LEU A 190 17.77 2.66 -6.36
C LEU A 190 18.36 3.76 -5.49
N SER A 191 18.58 4.91 -6.14
CA SER A 191 18.92 6.12 -5.44
C SER A 191 17.84 7.17 -5.67
N SER A 192 17.69 8.04 -4.66
CA SER A 192 16.89 9.25 -4.70
C SER A 192 17.79 10.42 -4.35
N VAL A 193 17.77 11.46 -5.19
CA VAL A 193 18.63 12.63 -5.00
C VAL A 193 17.76 13.88 -4.97
N VAL A 194 18.33 14.97 -4.47
CA VAL A 194 17.68 16.27 -4.46
C VAL A 194 18.77 17.34 -4.50
N THR A 195 18.48 18.45 -5.18
CA THR A 195 19.38 19.59 -5.23
C THR A 195 18.79 20.73 -4.42
N VAL A 196 19.64 21.34 -3.60
CA VAL A 196 19.26 22.39 -2.66
C VAL A 196 20.34 23.46 -2.70
N PRO A 197 20.02 24.67 -2.22
CA PRO A 197 21.02 25.73 -2.21
C PRO A 197 22.23 25.36 -1.35
N SER A 198 23.42 25.75 -1.83
CA SER A 198 24.67 25.51 -1.11
C SER A 198 24.62 26.09 0.30
N SER A 199 24.08 27.30 0.44
CA SER A 199 23.96 27.99 1.71
C SER A 199 22.92 27.37 2.66
N SER A 200 22.07 26.48 2.17
N SER A 200 22.08 26.47 2.17
CA SER A 200 21.09 25.82 3.02
CA SER A 200 21.09 25.82 3.03
C SER A 200 21.69 24.70 3.85
C SER A 200 21.69 24.70 3.85
N LEU A 201 22.84 24.17 3.46
CA LEU A 201 23.44 23.03 4.18
C LEU A 201 23.76 23.44 5.62
N GLY A 202 23.52 22.53 6.55
CA GLY A 202 23.69 22.89 7.97
C GLY A 202 22.59 23.77 8.55
N THR A 203 22.18 24.81 7.83
CA THR A 203 20.99 25.56 8.22
C THR A 203 19.74 24.67 8.19
N GLN A 204 19.66 23.76 7.22
CA GLN A 204 18.46 22.95 7.00
C GLN A 204 18.78 21.46 7.10
N THR A 205 17.88 20.72 7.75
CA THR A 205 18.03 19.29 7.91
C THR A 205 17.34 18.54 6.77
N TYR A 206 18.02 17.53 6.24
CA TYR A 206 17.48 16.70 5.16
C TYR A 206 17.48 15.25 5.58
N ILE A 207 16.31 14.61 5.44
CA ILE A 207 16.08 13.23 5.85
C ILE A 207 15.24 12.57 4.77
N CYS A 208 15.73 11.43 4.26
CA CYS A 208 14.95 10.64 3.32
C CYS A 208 14.19 9.58 4.08
N ASN A 209 12.94 9.32 3.67
CA ASN A 209 12.06 8.36 4.31
C ASN A 209 11.76 7.23 3.33
N VAL A 210 12.21 6.02 3.64
CA VAL A 210 12.15 4.89 2.73
C VAL A 210 11.15 3.88 3.27
N ASN A 211 10.25 3.43 2.39
CA ASN A 211 9.19 2.52 2.79
C ASN A 211 9.13 1.28 1.90
N HIS A 212 9.40 0.11 2.47
CA HIS A 212 9.37 -1.16 1.75
C HIS A 212 8.24 -2.00 2.34
N LYS A 213 7.04 -1.84 1.79
CA LYS A 213 5.88 -2.54 2.35
C LYS A 213 6.01 -4.07 2.31
N PRO A 214 6.61 -4.71 1.30
CA PRO A 214 6.67 -6.19 1.32
C PRO A 214 7.31 -6.79 2.56
N SER A 215 8.20 -6.06 3.23
CA SER A 215 8.86 -6.58 4.42
C SER A 215 8.60 -5.71 5.64
N ASN A 216 7.64 -4.79 5.57
CA ASN A 216 7.22 -3.96 6.70
C ASN A 216 8.35 -3.07 7.23
N THR A 217 9.26 -2.64 6.37
CA THR A 217 10.36 -1.79 6.83
C THR A 217 10.07 -0.33 6.54
N LYS A 218 10.33 0.51 7.54
CA LYS A 218 10.36 1.96 7.43
C LYS A 218 11.75 2.38 7.88
N VAL A 219 12.43 3.16 7.05
CA VAL A 219 13.76 3.64 7.38
C VAL A 219 13.84 5.14 7.10
N ASP A 220 14.42 5.87 8.04
CA ASP A 220 14.76 7.27 7.87
C ASP A 220 16.27 7.42 8.04
N LYS A 221 16.92 8.06 7.08
CA LYS A 221 18.34 8.41 7.24
C LYS A 221 18.52 9.91 7.09
N LYS A 222 19.06 10.53 8.13
CA LYS A 222 19.56 11.89 8.06
C LYS A 222 20.75 11.95 7.10
N VAL A 223 20.76 12.95 6.23
CA VAL A 223 21.84 13.11 5.25
C VAL A 223 22.56 14.42 5.59
N GLU A 224 23.80 14.30 6.06
CA GLU A 224 24.60 15.43 6.52
C GLU A 224 25.90 15.54 5.74
N PRO A 225 26.38 16.75 5.51
CA PRO A 225 27.59 16.92 4.71
C PRO A 225 28.82 16.46 5.46
N LYS A 226 29.85 16.12 4.70
CA LYS A 226 31.16 15.79 5.24
C LYS A 226 31.11 14.56 6.12
N GLU B 1 8.86 -15.17 -39.73
CA GLU B 1 7.76 -14.30 -39.35
C GLU B 1 7.82 -12.96 -40.01
N ILE B 2 6.70 -12.27 -40.05
CA ILE B 2 6.70 -10.93 -40.57
C ILE B 2 7.27 -9.97 -39.56
N VAL B 3 8.42 -9.42 -39.86
CA VAL B 3 9.05 -8.44 -38.99
C VAL B 3 8.54 -7.05 -39.36
N LEU B 4 8.13 -6.28 -38.36
CA LEU B 4 7.72 -4.90 -38.56
C LEU B 4 8.79 -3.99 -37.95
N THR B 5 9.33 -3.09 -38.76
CA THR B 5 10.38 -2.17 -38.36
C THR B 5 9.81 -0.76 -38.29
N GLN B 6 9.86 -0.15 -37.12
CA GLN B 6 9.37 1.21 -36.91
C GLN B 6 10.52 2.20 -36.96
N SER B 7 10.27 3.36 -37.55
CA SER B 7 11.31 4.38 -37.66
C SER B 7 10.66 5.77 -37.62
N PRO B 8 11.29 6.72 -36.92
CA PRO B 8 12.49 6.51 -36.09
C PRO B 8 12.15 5.91 -34.72
N SER B 9 13.16 5.55 -33.95
CA SER B 9 12.93 4.95 -32.65
C SER B 9 12.40 5.98 -31.66
N SER B 10 12.75 7.25 -31.87
CA SER B 10 12.32 8.29 -30.95
C SER B 10 12.03 9.55 -31.76
N VAL B 11 11.02 10.30 -31.32
CA VAL B 11 10.66 11.56 -31.94
C VAL B 11 10.60 12.63 -30.86
N SER B 12 11.11 13.81 -31.15
CA SER B 12 11.10 14.94 -30.23
C SER B 12 10.25 16.05 -30.83
N ALA B 13 9.24 16.51 -30.08
CA ALA B 13 8.26 17.41 -30.66
C ALA B 13 7.55 18.17 -29.55
N SER B 14 6.89 19.27 -29.93
CA SER B 14 6.17 20.12 -29.00
C SER B 14 4.68 20.13 -29.33
N VAL B 15 3.89 20.55 -28.32
CA VAL B 15 2.45 20.69 -28.52
C VAL B 15 2.19 21.52 -29.77
N GLY B 16 1.31 21.01 -30.64
CA GLY B 16 0.99 21.66 -31.89
C GLY B 16 1.78 21.16 -33.08
N ASP B 17 2.91 20.49 -32.85
CA ASP B 17 3.72 19.97 -33.94
C ASP B 17 2.99 18.86 -34.69
N ARG B 18 3.31 18.76 -35.98
CA ARG B 18 2.90 17.63 -36.80
C ARG B 18 3.97 16.57 -36.78
N VAL B 19 3.58 15.31 -36.55
CA VAL B 19 4.54 14.23 -36.41
C VAL B 19 4.07 13.04 -37.23
N THR B 20 5.03 12.36 -37.84
CA THR B 20 4.75 11.18 -38.64
C THR B 20 5.65 10.04 -38.22
N ILE B 21 5.06 8.86 -38.07
CA ILE B 21 5.85 7.68 -37.71
C ILE B 21 5.58 6.60 -38.73
N THR B 22 6.59 5.82 -39.07
CA THR B 22 6.45 4.82 -40.10
C THR B 22 6.64 3.38 -39.64
N CYS B 23 5.95 2.45 -40.29
CA CYS B 23 6.06 1.02 -39.97
C CYS B 23 6.25 0.25 -41.27
N ARG B 24 7.38 -0.46 -41.39
CA ARG B 24 7.72 -1.22 -42.58
C ARG B 24 7.63 -2.73 -42.30
N ALA B 25 6.82 -3.44 -43.09
CA ALA B 25 6.62 -4.87 -42.95
C ALA B 25 7.54 -5.65 -43.89
N SER B 26 8.06 -6.78 -43.38
CA SER B 26 9.05 -7.55 -44.14
C SER B 26 8.42 -8.41 -45.23
N GLN B 27 7.12 -8.70 -45.12
CA GLN B 27 6.31 -9.30 -46.19
C GLN B 27 5.06 -8.44 -46.35
N GLY B 28 4.37 -8.59 -47.48
CA GLY B 28 3.13 -7.86 -47.70
C GLY B 28 2.02 -8.32 -46.75
N ILE B 29 1.26 -7.36 -46.21
CA ILE B 29 0.19 -7.66 -45.25
C ILE B 29 -1.10 -6.98 -45.68
N SER B 30 -1.17 -6.60 -46.95
CA SER B 30 -2.35 -5.92 -47.48
C SER B 30 -2.65 -4.69 -46.62
N SER B 31 -3.79 -4.66 -45.93
CA SER B 31 -4.11 -3.47 -45.15
C SER B 31 -4.29 -3.75 -43.66
N TRP B 32 -3.84 -4.91 -43.18
CA TRP B 32 -4.19 -5.34 -41.82
C TRP B 32 -3.07 -4.99 -40.84
N LEU B 33 -2.91 -3.68 -40.66
CA LEU B 33 -1.97 -3.06 -39.73
C LEU B 33 -2.73 -2.19 -38.74
N ALA B 34 -2.43 -2.35 -37.45
CA ALA B 34 -3.04 -1.53 -36.41
C ALA B 34 -1.97 -0.74 -35.66
N TRP B 35 -2.40 0.37 -35.05
CA TRP B 35 -1.53 1.23 -34.25
C TRP B 35 -2.10 1.36 -32.84
N TYR B 36 -1.20 1.25 -31.84
CA TYR B 36 -1.55 1.37 -30.43
C TYR B 36 -0.74 2.49 -29.78
N GLN B 37 -1.30 3.06 -28.71
CA GLN B 37 -0.58 3.99 -27.88
C GLN B 37 -0.45 3.40 -26.48
N GLN B 38 0.71 3.56 -25.86
CA GLN B 38 0.91 3.02 -24.52
C GLN B 38 1.71 4.03 -23.70
N LYS B 39 1.16 4.38 -22.53
CA LYS B 39 1.83 5.23 -21.55
C LYS B 39 2.45 4.37 -20.45
N PRO B 40 3.51 4.84 -19.79
CA PRO B 40 4.24 3.96 -18.84
C PRO B 40 3.31 3.43 -17.77
N GLY B 41 3.42 2.13 -17.52
CA GLY B 41 2.62 1.47 -16.52
C GLY B 41 1.25 1.03 -16.99
N LYS B 42 0.78 1.53 -18.12
CA LYS B 42 -0.61 1.38 -18.55
C LYS B 42 -0.70 0.37 -19.69
N ALA B 43 -1.91 -0.14 -19.89
CA ALA B 43 -2.16 -1.04 -21.01
C ALA B 43 -2.19 -0.27 -22.34
N PRO B 44 -1.79 -0.92 -23.44
CA PRO B 44 -1.94 -0.27 -24.77
C PRO B 44 -3.40 0.06 -25.07
N LYS B 45 -3.59 1.08 -25.91
CA LYS B 45 -4.91 1.47 -26.41
C LYS B 45 -4.93 1.54 -27.93
N LEU B 46 -5.97 0.95 -28.55
CA LEU B 46 -6.09 0.94 -30.01
C LEU B 46 -6.43 2.33 -30.55
N LEU B 47 -5.68 2.79 -31.56
CA LEU B 47 -5.97 4.07 -32.18
C LEU B 47 -6.58 3.92 -33.56
N ILE B 48 -6.07 2.95 -34.33
CA ILE B 48 -6.34 2.78 -35.75
C ILE B 48 -6.20 1.30 -36.05
N TYR B 49 -7.14 0.75 -36.83
CA TYR B 49 -7.05 -0.61 -37.33
C TYR B 49 -7.26 -0.63 -38.84
N ALA B 50 -6.93 -1.76 -39.46
CA ALA B 50 -7.00 -1.92 -40.92
C ALA B 50 -6.36 -0.72 -41.63
N ALA B 51 -5.17 -0.32 -41.13
CA ALA B 51 -4.28 0.71 -41.70
C ALA B 51 -4.80 2.14 -41.53
N SER B 52 -6.09 2.39 -41.74
CA SER B 52 -6.60 3.75 -41.75
C SER B 52 -7.94 3.95 -41.03
N SER B 53 -8.51 2.93 -40.37
CA SER B 53 -9.81 3.08 -39.73
C SER B 53 -9.65 3.65 -38.34
N LEU B 54 -10.27 4.80 -38.10
CA LEU B 54 -10.17 5.45 -36.79
C LEU B 54 -11.00 4.71 -35.76
N GLN B 55 -10.38 4.36 -34.63
CA GLN B 55 -11.15 3.76 -33.54
C GLN B 55 -12.08 4.79 -32.93
N SER B 56 -13.33 4.41 -32.68
CA SER B 56 -14.30 5.38 -32.18
C SER B 56 -13.87 5.91 -30.81
N GLY B 57 -13.97 7.23 -30.65
CA GLY B 57 -13.51 7.88 -29.45
C GLY B 57 -12.11 8.44 -29.53
N VAL B 58 -11.34 8.05 -30.54
CA VAL B 58 -9.99 8.58 -30.74
C VAL B 58 -10.12 9.80 -31.64
N PRO B 59 -9.42 10.90 -31.38
CA PRO B 59 -9.60 12.11 -32.20
C PRO B 59 -8.99 11.97 -33.60
N SER B 60 -9.65 12.63 -34.56
CA SER B 60 -9.23 12.55 -35.96
C SER B 60 -7.84 13.17 -36.20
N ARG B 61 -7.23 13.82 -35.21
CA ARG B 61 -5.86 14.26 -35.42
C ARG B 61 -4.91 13.09 -35.63
N PHE B 62 -5.28 11.87 -35.17
CA PHE B 62 -4.60 10.63 -35.51
C PHE B 62 -5.15 10.09 -36.83
N SER B 63 -4.28 9.76 -37.78
CA SER B 63 -4.70 9.15 -39.04
C SER B 63 -3.61 8.23 -39.57
N GLY B 64 -4.01 7.07 -40.08
CA GLY B 64 -3.09 6.08 -40.61
C GLY B 64 -3.25 5.92 -42.11
N SER B 65 -2.18 5.52 -42.78
CA SER B 65 -2.27 5.24 -44.21
C SER B 65 -1.20 4.24 -44.60
N GLY B 66 -1.30 3.76 -45.83
CA GLY B 66 -0.38 2.80 -46.41
C GLY B 66 -1.06 1.48 -46.74
N SER B 67 -0.30 0.65 -47.45
CA SER B 67 -0.75 -0.67 -47.87
C SER B 67 0.49 -1.45 -48.30
N GLY B 68 0.35 -2.77 -48.33
CA GLY B 68 1.46 -3.60 -48.76
C GLY B 68 2.50 -3.75 -47.67
N THR B 69 3.57 -2.96 -47.72
CA THR B 69 4.64 -3.04 -46.73
C THR B 69 4.95 -1.72 -46.02
N ASP B 70 4.46 -0.58 -46.49
CA ASP B 70 4.88 0.72 -45.96
C ASP B 70 3.67 1.44 -45.39
N PHE B 71 3.70 1.71 -44.10
CA PHE B 71 2.56 2.30 -43.40
C PHE B 71 3.02 3.49 -42.58
N THR B 72 2.10 4.43 -42.36
CA THR B 72 2.41 5.67 -41.68
C THR B 72 1.31 5.99 -40.66
N LEU B 73 1.70 6.43 -39.46
CA LEU B 73 0.80 7.10 -38.53
C LEU B 73 1.16 8.58 -38.47
N THR B 74 0.15 9.45 -38.57
CA THR B 74 0.36 10.89 -38.60
C THR B 74 -0.46 11.51 -37.48
N ILE B 75 0.16 12.35 -36.66
CA ILE B 75 -0.59 13.16 -35.70
C ILE B 75 -0.50 14.60 -36.16
N SER B 76 -1.64 15.15 -36.63
CA SER B 76 -1.62 16.43 -37.33
C SER B 76 -1.19 17.57 -36.41
N SER B 77 -1.60 17.53 -35.13
CA SER B 77 -1.24 18.60 -34.20
C SER B 77 -1.18 18.03 -32.78
N LEU B 78 0.03 17.87 -32.27
CA LEU B 78 0.26 17.14 -31.01
C LEU B 78 -0.37 17.85 -29.82
N GLN B 79 -1.02 17.07 -28.97
CA GLN B 79 -1.59 17.54 -27.72
C GLN B 79 -0.82 16.93 -26.55
N PRO B 80 -0.92 17.53 -25.35
CA PRO B 80 -0.08 17.06 -24.24
C PRO B 80 -0.27 15.59 -23.88
N GLU B 81 -1.47 15.05 -24.07
CA GLU B 81 -1.77 13.66 -23.77
C GLU B 81 -1.28 12.70 -24.84
N ASP B 82 -0.56 13.18 -25.83
CA ASP B 82 -0.12 12.34 -26.92
C ASP B 82 1.28 11.83 -26.75
N PHE B 83 1.97 12.33 -25.75
CA PHE B 83 3.33 11.90 -25.50
C PHE B 83 3.30 10.52 -24.93
N ALA B 84 3.88 9.57 -25.65
CA ALA B 84 3.79 8.17 -25.29
C ALA B 84 4.58 7.29 -26.23
N THR B 85 4.47 5.99 -26.06
CA THR B 85 5.11 5.07 -26.97
C THR B 85 4.05 4.48 -27.92
N TYR B 86 4.38 4.39 -29.20
CA TYR B 86 3.45 3.89 -30.18
C TYR B 86 3.90 2.61 -30.88
N TYR B 87 2.99 1.65 -31.02
CA TYR B 87 3.31 0.36 -31.64
C TYR B 87 2.41 0.10 -32.84
N CYS B 88 2.99 -0.45 -33.91
CA CYS B 88 2.22 -1.05 -35.00
C CYS B 88 2.16 -2.57 -34.83
N GLN B 89 1.12 -3.19 -35.42
CA GLN B 89 0.83 -4.62 -35.26
C GLN B 89 0.14 -5.15 -36.51
N GLN B 90 0.62 -6.27 -37.04
CA GLN B 90 -0.01 -6.85 -38.22
C GLN B 90 -0.88 -8.04 -37.80
N GLY B 91 -2.08 -8.12 -38.37
CA GLY B 91 -3.02 -9.18 -38.07
C GLY B 91 -3.40 -9.96 -39.31
N ASN B 92 -2.49 -9.97 -40.28
CA ASN B 92 -2.74 -10.61 -41.57
C ASN B 92 -2.49 -12.09 -41.56
N SER B 93 -1.53 -12.56 -40.75
CA SER B 93 -1.14 -13.96 -40.76
C SER B 93 -0.34 -14.28 -39.49
N PHE B 94 -0.40 -15.56 -39.08
CA PHE B 94 0.26 -16.06 -37.87
C PHE B 94 1.76 -16.27 -38.11
N PRO B 95 2.62 -16.01 -37.12
CA PRO B 95 2.29 -15.41 -35.82
C PRO B 95 2.03 -13.90 -35.94
N TYR B 96 1.11 -13.38 -35.14
CA TYR B 96 0.91 -11.94 -35.07
C TYR B 96 2.16 -11.26 -34.52
N THR B 97 2.51 -10.10 -35.07
CA THR B 97 3.72 -9.45 -34.65
C THR B 97 3.50 -7.95 -34.49
N PHE B 98 4.39 -7.34 -33.71
CA PHE B 98 4.38 -5.94 -33.38
C PHE B 98 5.70 -5.32 -33.81
N GLY B 99 5.67 -4.05 -34.20
CA GLY B 99 6.89 -3.30 -34.33
C GLY B 99 7.50 -3.01 -32.97
N GLN B 100 8.75 -2.56 -32.96
CA GLN B 100 9.47 -2.42 -31.70
C GLN B 100 9.07 -1.16 -30.93
N GLY B 101 8.23 -0.30 -31.49
CA GLY B 101 7.78 0.88 -30.76
C GLY B 101 8.53 2.16 -31.09
N THR B 102 7.81 3.27 -31.12
CA THR B 102 8.42 4.59 -31.25
C THR B 102 8.02 5.43 -30.06
N ASN B 103 9.02 6.02 -29.41
CA ASN B 103 8.83 6.91 -28.28
C ASN B 103 8.67 8.35 -28.76
N LEU B 104 7.58 8.99 -28.37
CA LEU B 104 7.30 10.39 -28.67
C LEU B 104 7.52 11.20 -27.40
N GLU B 105 8.59 11.99 -27.38
CA GLU B 105 8.92 12.78 -26.20
C GLU B 105 8.82 14.27 -26.46
N ILE B 106 9.06 15.08 -25.43
CA ILE B 106 8.86 16.52 -25.54
C ILE B 106 10.18 17.19 -25.89
N LYS B 107 10.15 18.04 -26.92
CA LYS B 107 11.34 18.77 -27.33
C LYS B 107 11.54 19.99 -26.46
N ARG B 108 12.80 20.35 -26.23
CA ARG B 108 13.14 21.58 -25.53
C ARG B 108 14.57 21.98 -25.91
N THR B 109 15.08 23.06 -25.32
CA THR B 109 16.42 23.48 -25.69
C THR B 109 17.46 22.58 -25.02
N VAL B 110 18.65 22.55 -25.62
CA VAL B 110 19.75 21.76 -25.09
C VAL B 110 20.11 22.25 -23.69
N ALA B 111 20.33 21.30 -22.77
CA ALA B 111 20.76 21.62 -21.43
C ALA B 111 21.83 20.62 -21.02
N ALA B 112 23.01 21.13 -20.66
CA ALA B 112 24.08 20.29 -20.16
C ALA B 112 23.75 19.75 -18.76
N PRO B 113 24.21 18.54 -18.44
CA PRO B 113 24.02 18.03 -17.07
C PRO B 113 24.90 18.74 -16.05
N SER B 114 24.35 18.94 -14.85
CA SER B 114 25.18 19.24 -13.69
C SER B 114 25.65 17.90 -13.11
N VAL B 115 26.95 17.71 -12.95
CA VAL B 115 27.50 16.41 -12.58
C VAL B 115 27.96 16.42 -11.12
N PHE B 116 27.67 15.34 -10.41
CA PHE B 116 28.05 15.17 -9.00
C PHE B 116 28.52 13.74 -8.78
N ILE B 117 29.59 13.59 -7.99
CA ILE B 117 30.13 12.28 -7.64
C ILE B 117 30.03 12.10 -6.13
N PHE B 118 29.65 10.89 -5.69
CA PHE B 118 29.50 10.57 -4.27
C PHE B 118 30.37 9.37 -3.94
N PRO B 119 31.32 9.48 -3.03
CA PRO B 119 32.06 8.28 -2.59
C PRO B 119 31.16 7.37 -1.76
N PRO B 120 31.58 6.13 -1.52
CA PRO B 120 30.83 5.27 -0.58
C PRO B 120 30.74 5.96 0.78
N SER B 121 29.58 5.83 1.43
CA SER B 121 29.43 6.38 2.77
C SER B 121 30.16 5.50 3.77
N ASP B 122 30.57 6.10 4.88
CA ASP B 122 31.16 5.31 5.95
C ASP B 122 30.19 4.24 6.41
N GLU B 123 28.89 4.55 6.45
CA GLU B 123 27.90 3.56 6.87
C GLU B 123 27.93 2.33 5.96
N GLN B 124 28.06 2.55 4.65
CA GLN B 124 28.09 1.41 3.74
C GLN B 124 29.37 0.61 3.91
N LEU B 125 30.52 1.31 3.99
CA LEU B 125 31.79 0.63 4.15
C LEU B 125 31.81 -0.27 5.39
N LYS B 126 31.29 0.26 6.51
CA LYS B 126 31.17 -0.56 7.72
C LYS B 126 30.50 -1.90 7.41
N SER B 127 29.59 -1.92 6.44
CA SER B 127 28.82 -3.11 6.08
C SER B 127 29.52 -4.04 5.09
N GLY B 128 30.69 -3.66 4.56
CA GLY B 128 31.48 -4.57 3.73
C GLY B 128 31.42 -4.38 2.22
N THR B 129 30.67 -3.41 1.72
CA THR B 129 30.58 -3.17 0.28
C THR B 129 30.79 -1.69 0.00
N ALA B 130 30.97 -1.35 -1.27
CA ALA B 130 31.25 0.03 -1.64
C ALA B 130 30.55 0.37 -2.95
N SER B 131 29.77 1.44 -2.94
CA SER B 131 29.09 1.93 -4.13
C SER B 131 29.49 3.38 -4.38
N VAL B 132 30.05 3.65 -5.56
CA VAL B 132 30.34 5.00 -6.01
C VAL B 132 29.21 5.43 -6.94
N VAL B 133 28.71 6.64 -6.76
CA VAL B 133 27.53 7.12 -7.47
C VAL B 133 27.87 8.42 -8.19
N CYS B 134 27.50 8.49 -9.47
CA CYS B 134 27.68 9.68 -10.27
C CYS B 134 26.32 10.15 -10.78
N LEU B 135 25.98 11.41 -10.53
CA LEU B 135 24.67 11.94 -10.85
C LEU B 135 24.78 12.95 -12.00
N LEU B 136 23.98 12.75 -13.04
CA LEU B 136 23.85 13.69 -14.15
C LEU B 136 22.46 14.28 -14.04
N ASN B 137 22.37 15.56 -13.71
CA ASN B 137 21.10 16.15 -13.32
C ASN B 137 20.60 17.17 -14.34
N ASN B 138 19.31 17.05 -14.68
CA ASN B 138 18.57 18.08 -15.42
C ASN B 138 19.20 18.41 -16.77
N PHE B 139 19.30 17.40 -17.65
CA PHE B 139 19.87 17.56 -18.99
C PHE B 139 18.86 17.20 -20.08
N TYR B 140 19.15 17.69 -21.30
CA TYR B 140 18.41 17.44 -22.52
C TYR B 140 19.34 17.70 -23.69
N PRO B 141 19.35 16.84 -24.73
CA PRO B 141 18.49 15.67 -24.92
C PRO B 141 18.88 14.47 -24.06
N ARG B 142 18.20 13.34 -24.26
CA ARG B 142 18.37 12.17 -23.40
C ARG B 142 19.75 11.54 -23.53
N GLU B 143 20.31 11.52 -24.74
CA GLU B 143 21.55 10.78 -24.94
C GLU B 143 22.69 11.35 -24.11
N ALA B 144 23.43 10.46 -23.46
CA ALA B 144 24.45 10.85 -22.50
C ALA B 144 25.35 9.64 -22.27
N LYS B 145 26.63 9.89 -22.03
CA LYS B 145 27.57 8.81 -21.79
C LYS B 145 28.36 9.06 -20.51
N VAL B 146 28.48 8.03 -19.69
CA VAL B 146 29.19 8.08 -18.43
C VAL B 146 30.32 7.07 -18.49
N GLN B 147 31.55 7.53 -18.26
CA GLN B 147 32.70 6.66 -18.24
C GLN B 147 33.38 6.69 -16.90
N TRP B 148 33.52 5.53 -16.28
CA TRP B 148 34.19 5.42 -14.99
C TRP B 148 35.67 5.11 -15.19
N LYS B 149 36.51 5.80 -14.41
CA LYS B 149 37.94 5.53 -14.41
C LYS B 149 38.41 5.40 -12.97
N VAL B 150 39.22 4.38 -12.71
CA VAL B 150 39.81 4.13 -11.40
C VAL B 150 41.32 4.16 -11.56
N ASP B 151 41.96 5.19 -10.98
CA ASP B 151 43.40 5.43 -11.16
C ASP B 151 43.75 5.45 -12.66
N ASN B 152 42.93 6.19 -13.41
CA ASN B 152 43.07 6.40 -14.85
C ASN B 152 42.84 5.14 -15.69
N ALA B 153 42.26 4.09 -15.13
CA ALA B 153 41.97 2.87 -15.89
C ALA B 153 40.48 2.80 -16.17
N LEU B 154 40.11 2.70 -17.44
CA LEU B 154 38.71 2.66 -17.83
C LEU B 154 38.05 1.41 -17.28
N GLN B 155 36.87 1.58 -16.68
CA GLN B 155 36.12 0.48 -16.10
C GLN B 155 35.07 -0.04 -17.08
N SER B 156 34.75 -1.32 -16.96
CA SER B 156 33.79 -1.94 -17.86
C SER B 156 33.08 -3.10 -17.17
N GLY B 157 31.79 -3.26 -17.48
CA GLY B 157 30.98 -4.30 -16.86
C GLY B 157 30.72 -4.08 -15.39
N ASN B 158 31.06 -2.89 -14.90
CA ASN B 158 31.26 -2.59 -13.50
C ASN B 158 30.15 -1.73 -12.90
N SER B 159 29.21 -1.26 -13.70
CA SER B 159 28.31 -0.18 -13.31
C SER B 159 26.94 -0.43 -13.89
N GLN B 160 25.94 0.18 -13.28
CA GLN B 160 24.58 0.07 -13.77
C GLN B 160 24.02 1.47 -13.85
N GLU B 161 23.16 1.72 -14.80
CA GLU B 161 22.61 3.04 -15.01
C GLU B 161 21.10 3.11 -14.92
N SER B 162 20.58 4.24 -14.47
CA SER B 162 19.15 4.45 -14.38
C SER B 162 18.79 5.88 -14.79
N VAL B 163 17.65 6.05 -15.47
CA VAL B 163 17.24 7.35 -16.00
C VAL B 163 15.79 7.63 -15.63
N THR B 164 15.50 8.83 -15.13
CA THR B 164 14.12 9.20 -14.81
C THR B 164 13.34 9.45 -16.10
N GLU B 165 12.02 9.60 -15.96
CA GLU B 165 11.22 10.10 -17.08
C GLU B 165 11.37 11.62 -17.17
N GLN B 166 10.92 12.17 -18.28
CA GLN B 166 11.01 13.62 -18.50
C GLN B 166 10.33 14.37 -17.35
N ASP B 167 11.07 15.28 -16.72
CA ASP B 167 10.54 16.05 -15.59
C ASP B 167 9.29 16.80 -16.00
N SER B 168 8.26 16.76 -15.16
CA SER B 168 6.95 17.27 -15.53
C SER B 168 6.93 18.77 -15.75
N LYS B 169 7.94 19.49 -15.26
CA LYS B 169 7.92 20.94 -15.38
C LYS B 169 8.98 21.49 -16.33
N ASP B 170 10.21 20.99 -16.31
CA ASP B 170 11.22 21.51 -17.23
C ASP B 170 11.59 20.54 -18.35
N SER B 171 10.98 19.34 -18.39
CA SER B 171 11.16 18.35 -19.46
C SER B 171 12.60 17.89 -19.62
N THR B 172 13.43 17.99 -18.57
CA THR B 172 14.78 17.45 -18.57
C THR B 172 14.77 15.97 -18.14
N TYR B 173 15.92 15.34 -18.33
CA TYR B 173 16.21 14.03 -17.79
C TYR B 173 17.25 14.15 -16.71
N SER B 174 17.31 13.14 -15.83
CA SER B 174 18.44 12.94 -14.93
C SER B 174 18.83 11.47 -15.00
N LEU B 175 20.10 11.21 -14.68
CA LEU B 175 20.63 9.86 -14.77
C LEU B 175 21.56 9.60 -13.59
N SER B 176 21.54 8.37 -13.10
CA SER B 176 22.47 7.90 -12.08
C SER B 176 23.29 6.74 -12.64
N SER B 177 24.57 6.73 -12.35
CA SER B 177 25.42 5.60 -12.65
C SER B 177 26.09 5.17 -11.34
N THR B 178 25.97 3.89 -11.03
CA THR B 178 26.51 3.33 -9.79
C THR B 178 27.62 2.34 -10.14
N LEU B 179 28.82 2.60 -9.63
CA LEU B 179 29.93 1.66 -9.71
C LEU B 179 29.98 0.82 -8.44
N THR B 180 29.89 -0.51 -8.59
CA THR B 180 29.95 -1.42 -7.45
C THR B 180 31.31 -2.09 -7.39
N LEU B 181 31.98 -1.96 -6.25
CA LEU B 181 33.23 -2.65 -5.96
C LEU B 181 33.09 -3.37 -4.62
N SER B 182 33.94 -4.38 -4.41
CA SER B 182 34.11 -4.87 -3.06
C SER B 182 34.92 -3.85 -2.28
N LYS B 183 34.71 -3.84 -0.96
CA LYS B 183 35.42 -2.91 -0.09
C LYS B 183 36.93 -3.09 -0.22
N ALA B 184 37.40 -4.34 -0.36
CA ALA B 184 38.83 -4.59 -0.50
C ALA B 184 39.35 -4.13 -1.86
N ASP B 185 38.57 -4.33 -2.93
CA ASP B 185 38.98 -3.78 -4.23
C ASP B 185 38.94 -2.25 -4.23
N TYR B 186 38.03 -1.67 -3.45
CA TYR B 186 37.96 -0.21 -3.36
C TYR B 186 39.18 0.35 -2.64
N GLU B 187 39.63 -0.33 -1.58
CA GLU B 187 40.82 0.13 -0.88
C GLU B 187 42.12 -0.11 -1.66
N LYS B 188 42.05 -0.68 -2.86
CA LYS B 188 43.25 -0.88 -3.65
C LYS B 188 43.61 0.32 -4.53
N HIS B 189 42.78 1.36 -4.58
CA HIS B 189 43.00 2.47 -5.50
C HIS B 189 42.70 3.81 -4.85
N LYS B 190 43.21 4.88 -5.47
CA LYS B 190 43.16 6.23 -4.91
C LYS B 190 42.10 7.11 -5.55
N VAL B 191 42.18 7.33 -6.86
CA VAL B 191 41.35 8.33 -7.53
C VAL B 191 40.23 7.64 -8.31
N TYR B 192 38.99 7.99 -7.95
CA TYR B 192 37.79 7.52 -8.62
C TYR B 192 37.16 8.72 -9.34
N ALA B 193 36.86 8.56 -10.62
CA ALA B 193 36.44 9.67 -11.45
C ALA B 193 35.32 9.27 -12.41
N CYS B 194 34.33 10.14 -12.51
CA CYS B 194 33.19 10.01 -13.42
C CYS B 194 33.36 10.99 -14.59
N GLU B 195 33.38 10.48 -15.82
CA GLU B 195 33.56 11.32 -17.01
C GLU B 195 32.30 11.32 -17.87
N VAL B 196 31.83 12.52 -18.22
CA VAL B 196 30.50 12.73 -18.79
C VAL B 196 30.58 13.40 -20.15
N THR B 197 29.97 12.77 -21.15
CA THR B 197 29.88 13.27 -22.53
C THR B 197 28.41 13.58 -22.84
N HIS B 198 28.16 14.77 -23.38
CA HIS B 198 26.79 15.20 -23.66
C HIS B 198 26.82 16.37 -24.63
N GLN B 199 25.79 16.47 -25.47
CA GLN B 199 25.77 17.48 -26.53
C GLN B 199 25.87 18.90 -25.98
N GLY B 200 25.36 19.13 -24.78
CA GLY B 200 25.46 20.44 -24.14
C GLY B 200 26.84 20.81 -23.63
N LEU B 201 27.82 19.92 -23.74
CA LEU B 201 29.18 20.13 -23.27
C LEU B 201 30.13 20.09 -24.46
N SER B 202 30.90 21.16 -24.67
CA SER B 202 31.83 21.18 -25.79
C SER B 202 32.99 20.21 -25.59
N SER B 203 33.21 19.74 -24.37
CA SER B 203 34.20 18.71 -24.09
C SER B 203 33.77 17.96 -22.84
N PRO B 204 34.22 16.73 -22.67
CA PRO B 204 33.79 15.94 -21.52
C PRO B 204 34.14 16.63 -20.20
N VAL B 205 33.24 16.46 -19.22
CA VAL B 205 33.38 17.00 -17.87
C VAL B 205 33.69 15.84 -16.95
N THR B 206 34.74 15.98 -16.13
CA THR B 206 35.09 14.96 -15.15
C THR B 206 34.87 15.47 -13.72
N LYS B 207 34.29 14.63 -12.88
CA LYS B 207 34.24 14.83 -11.44
C LYS B 207 34.94 13.65 -10.78
N SER B 208 35.80 13.94 -9.81
CA SER B 208 36.61 12.89 -9.21
C SER B 208 36.80 13.14 -7.74
N PHE B 209 37.19 12.10 -7.01
CA PHE B 209 37.64 12.25 -5.64
C PHE B 209 38.82 11.33 -5.41
N ASN B 210 39.56 11.62 -4.34
CA ASN B 210 40.62 10.78 -3.81
C ASN B 210 40.07 10.02 -2.61
N ARG B 211 40.22 8.71 -2.62
CA ARG B 211 39.69 7.90 -1.53
C ARG B 211 40.15 8.36 -0.18
N GLY B 212 39.22 8.76 0.65
CA GLY B 212 39.55 9.15 2.00
C GLY B 212 39.88 10.58 2.34
N GLU B 213 40.07 11.41 1.34
CA GLU B 213 40.45 12.76 1.63
C GLU B 213 39.28 13.54 2.20
N GLU C 1 -37.88 -2.12 17.52
CA GLU C 1 -36.52 -1.95 17.05
C GLU C 1 -35.83 -3.31 17.00
N VAL C 2 -34.96 -3.50 16.00
CA VAL C 2 -34.15 -4.71 15.90
C VAL C 2 -32.94 -4.57 16.81
N GLN C 3 -32.69 -5.58 17.64
CA GLN C 3 -31.52 -5.59 18.52
C GLN C 3 -30.89 -6.98 18.54
N LEU C 4 -29.56 -7.02 18.43
CA LEU C 4 -28.81 -8.24 18.71
C LEU C 4 -28.03 -8.03 20.01
N VAL C 5 -28.19 -8.94 20.96
CA VAL C 5 -27.50 -8.84 22.22
C VAL C 5 -26.49 -9.94 22.35
N GLU C 6 -25.27 -9.57 22.63
CA GLU C 6 -24.22 -10.52 22.74
C GLU C 6 -23.78 -10.77 24.17
N SER C 7 -23.23 -11.94 24.41
CA SER C 7 -22.77 -12.31 25.74
C SER C 7 -21.58 -11.50 26.24
N GLY C 8 -21.21 -11.61 27.51
CA GLY C 8 -20.22 -10.74 28.08
C GLY C 8 -18.81 -11.14 27.75
N ALA C 9 -17.89 -10.24 28.11
CA ALA C 9 -16.48 -10.44 27.81
C ALA C 9 -15.92 -11.67 28.51
N GLU C 10 -14.91 -12.26 27.88
CA GLU C 10 -14.33 -13.52 28.33
C GLU C 10 -12.82 -13.42 28.31
N VAL C 11 -12.20 -13.97 29.36
CA VAL C 11 -10.75 -14.13 29.46
C VAL C 11 -10.46 -15.61 29.64
N LYS C 12 -9.69 -16.18 28.72
CA LYS C 12 -9.45 -17.59 28.72
C LYS C 12 -8.00 -18.00 28.52
N LYS C 13 -7.71 -19.29 28.65
CA LYS C 13 -6.37 -19.79 28.44
C LYS C 13 -6.36 -20.72 27.25
N PRO C 14 -5.22 -20.85 26.58
CA PRO C 14 -5.21 -21.64 25.35
C PRO C 14 -5.57 -23.12 25.48
N GLY C 15 -6.31 -23.65 24.51
CA GLY C 15 -6.77 -25.02 24.52
C GLY C 15 -8.12 -25.16 25.13
N GLU C 16 -8.57 -24.12 25.78
CA GLU C 16 -9.87 -24.15 26.39
C GLU C 16 -11.04 -23.96 25.44
N SER C 17 -12.20 -24.39 25.86
CA SER C 17 -13.40 -24.22 25.08
C SER C 17 -14.16 -22.93 25.39
N LEU C 18 -14.82 -22.35 24.39
CA LEU C 18 -15.65 -21.16 24.59
C LEU C 18 -16.84 -21.11 23.66
N LYS C 19 -17.99 -20.72 24.16
CA LYS C 19 -19.16 -20.53 23.32
C LYS C 19 -19.73 -19.16 23.62
N ILE C 20 -19.96 -18.38 22.60
CA ILE C 20 -20.51 -17.07 22.79
C ILE C 20 -21.86 -16.94 22.12
N SER C 21 -22.67 -16.02 22.60
CA SER C 21 -24.03 -15.91 22.11
C SER C 21 -24.50 -14.61 21.51
N CYS C 22 -25.48 -14.70 20.63
CA CYS C 22 -26.08 -13.54 20.02
C CYS C 22 -27.58 -13.78 19.96
N LYS C 23 -28.35 -12.95 20.62
CA LYS C 23 -29.79 -13.11 20.64
C LYS C 23 -30.52 -12.00 19.94
N GLY C 24 -31.43 -12.39 19.07
CA GLY C 24 -32.19 -11.44 18.33
C GLY C 24 -33.56 -11.06 18.80
N SER C 25 -33.87 -9.79 18.70
CA SER C 25 -35.17 -9.32 19.08
C SER C 25 -35.67 -8.30 18.07
N GLY C 26 -36.98 -8.18 17.95
CA GLY C 26 -37.57 -7.22 17.06
C GLY C 26 -37.82 -7.59 15.63
N TYR C 27 -37.58 -8.85 15.28
CA TYR C 27 -37.77 -9.34 13.93
C TYR C 27 -37.93 -10.85 14.00
N THR C 28 -38.32 -11.49 12.91
CA THR C 28 -38.37 -12.94 12.90
C THR C 28 -37.01 -13.55 12.66
N PHE C 29 -36.39 -14.05 13.71
CA PHE C 29 -35.04 -14.59 13.64
C PHE C 29 -34.84 -15.65 12.57
N THR C 30 -35.85 -16.45 12.33
CA THR C 30 -35.74 -17.54 11.40
C THR C 30 -35.84 -17.12 9.94
N ARG C 31 -36.04 -15.83 9.68
CA ARG C 31 -36.19 -15.33 8.32
C ARG C 31 -34.99 -14.55 7.78
N TYR C 32 -33.90 -14.52 8.53
CA TYR C 32 -32.72 -13.82 8.10
C TYR C 32 -31.46 -14.58 8.39
N TRP C 33 -30.51 -14.49 7.49
CA TRP C 33 -29.22 -15.07 7.73
C TRP C 33 -28.51 -14.29 8.85
N ILE C 34 -27.66 -14.97 9.62
CA ILE C 34 -26.94 -14.37 10.71
C ILE C 34 -25.46 -14.60 10.50
N GLY C 35 -24.63 -13.60 10.76
CA GLY C 35 -23.21 -13.70 10.56
C GLY C 35 -22.26 -13.36 11.70
N TRP C 36 -21.05 -13.87 11.61
CA TRP C 36 -20.05 -13.59 12.61
C TRP C 36 -18.82 -12.94 12.00
N VAL C 37 -18.35 -11.87 12.63
CA VAL C 37 -17.20 -11.14 12.16
C VAL C 37 -16.17 -10.92 13.25
N ARG C 38 -14.89 -11.03 12.91
CA ARG C 38 -13.81 -10.82 13.87
C ARG C 38 -13.02 -9.54 13.65
N GLN C 39 -12.75 -8.82 14.72
CA GLN C 39 -11.88 -7.67 14.62
C GLN C 39 -10.78 -7.80 15.64
N MET C 40 -9.57 -8.01 15.17
CA MET C 40 -8.41 -8.13 16.04
C MET C 40 -7.99 -6.76 16.52
N PRO C 41 -7.26 -6.71 17.63
CA PRO C 41 -6.99 -5.36 18.16
C PRO C 41 -6.23 -4.43 17.23
N GLY C 42 -6.77 -3.24 17.03
CA GLY C 42 -6.16 -2.28 16.13
C GLY C 42 -6.29 -2.68 14.68
N LYS C 43 -7.18 -3.60 14.38
CA LYS C 43 -7.30 -4.11 13.04
C LYS C 43 -8.67 -3.99 12.45
N GLY C 44 -8.81 -4.48 11.23
CA GLY C 44 -10.07 -4.43 10.55
C GLY C 44 -11.05 -5.55 10.76
N LEU C 45 -12.07 -5.59 9.91
CA LEU C 45 -13.11 -6.56 10.05
C LEU C 45 -12.97 -7.76 9.16
N GLU C 46 -13.10 -8.93 9.74
CA GLU C 46 -12.97 -10.16 8.98
C GLU C 46 -14.18 -11.08 9.09
N TRP C 47 -14.75 -11.48 7.96
CA TRP C 47 -15.89 -12.39 7.97
C TRP C 47 -15.52 -13.80 8.31
N MET C 48 -16.24 -14.38 9.25
CA MET C 48 -15.96 -15.73 9.68
C MET C 48 -16.93 -16.75 9.15
N GLY C 49 -18.20 -16.41 9.11
CA GLY C 49 -19.21 -17.32 8.60
C GLY C 49 -20.64 -16.86 8.70
N ILE C 50 -21.56 -17.63 8.17
CA ILE C 50 -22.99 -17.33 8.26
C ILE C 50 -23.86 -18.55 8.59
N ILE C 51 -25.01 -18.31 9.21
CA ILE C 51 -25.97 -19.37 9.49
C ILE C 51 -27.41 -18.94 9.21
N TYR C 52 -28.25 -19.83 8.71
CA TYR C 52 -29.65 -19.51 8.54
C TYR C 52 -30.37 -20.24 9.63
N PRO C 53 -30.93 -19.51 10.57
CA PRO C 53 -31.55 -20.11 11.75
C PRO C 53 -32.77 -20.99 11.49
N GLY C 54 -33.46 -20.80 10.39
CA GLY C 54 -34.58 -21.63 10.07
C GLY C 54 -34.23 -23.09 9.93
N ASP C 55 -33.12 -23.37 9.29
CA ASP C 55 -32.67 -24.75 9.12
C ASP C 55 -31.26 -25.08 9.62
N SER C 56 -30.56 -24.09 10.16
CA SER C 56 -29.19 -24.25 10.66
C SER C 56 -28.13 -24.49 9.58
N ASP C 57 -28.45 -24.15 8.35
CA ASP C 57 -27.49 -24.27 7.26
C ASP C 57 -26.36 -23.28 7.46
N THR C 58 -25.12 -23.74 7.30
CA THR C 58 -23.96 -22.91 7.55
C THR C 58 -23.02 -22.75 6.40
N ARG C 59 -22.38 -21.59 6.31
CA ARG C 59 -21.35 -21.39 5.31
C ARG C 59 -20.21 -20.75 6.07
N TYR C 60 -19.02 -21.25 5.88
CA TYR C 60 -17.87 -20.70 6.57
C TYR C 60 -16.83 -20.17 5.62
N SER C 61 -16.10 -19.15 6.04
CA SER C 61 -14.99 -18.68 5.26
C SER C 61 -13.91 -19.76 5.32
N PRO C 62 -13.10 -19.90 4.24
CA PRO C 62 -12.03 -20.88 4.35
C PRO C 62 -10.99 -20.61 5.44
N SER C 63 -10.72 -19.35 5.73
CA SER C 63 -9.79 -18.97 6.78
C SER C 63 -10.21 -19.37 8.20
N PHE C 64 -11.50 -19.59 8.43
CA PHE C 64 -11.99 -19.91 9.77
C PHE C 64 -12.61 -21.30 9.92
N GLN C 65 -12.82 -22.01 8.83
CA GLN C 65 -13.42 -23.33 8.88
C GLN C 65 -12.61 -24.37 9.62
N GLY C 66 -13.25 -25.15 10.48
CA GLY C 66 -12.57 -26.18 11.24
C GLY C 66 -12.11 -25.74 12.60
N HIS C 67 -11.79 -24.46 12.73
CA HIS C 67 -11.40 -23.94 14.03
C HIS C 67 -12.58 -23.43 14.83
N VAL C 68 -13.64 -23.06 14.14
CA VAL C 68 -14.81 -22.52 14.81
C VAL C 68 -16.08 -23.17 14.31
N THR C 69 -17.08 -23.28 15.17
CA THR C 69 -18.36 -23.84 14.78
C THR C 69 -19.49 -22.85 15.07
N ILE C 70 -20.37 -22.64 14.10
CA ILE C 70 -21.48 -21.74 14.27
C ILE C 70 -22.76 -22.53 14.38
N SER C 71 -23.56 -22.22 15.38
CA SER C 71 -24.80 -22.95 15.63
C SER C 71 -25.93 -22.02 15.98
N ALA C 72 -27.15 -22.53 15.95
CA ALA C 72 -28.30 -21.75 16.36
C ALA C 72 -29.41 -22.51 17.05
N ASP C 73 -30.11 -21.86 17.97
CA ASP C 73 -31.24 -22.45 18.62
C ASP C 73 -32.39 -21.49 18.33
N LYS C 74 -33.26 -21.89 17.43
CA LYS C 74 -34.37 -21.05 17.03
C LYS C 74 -35.47 -20.89 18.06
N SER C 75 -35.54 -21.82 19.01
CA SER C 75 -36.51 -21.73 20.11
C SER C 75 -36.24 -20.48 20.92
N ILE C 76 -34.97 -20.14 21.08
CA ILE C 76 -34.60 -18.96 21.83
C ILE C 76 -34.08 -17.82 20.96
N SER C 77 -34.24 -17.91 19.65
CA SER C 77 -33.83 -16.83 18.75
C SER C 77 -32.37 -16.47 18.99
N THR C 78 -31.53 -17.48 19.17
CA THR C 78 -30.15 -17.25 19.50
C THR C 78 -29.13 -17.96 18.63
N ALA C 79 -28.11 -17.25 18.21
CA ALA C 79 -27.02 -17.85 17.45
C ALA C 79 -25.74 -17.91 18.27
N TYR C 80 -24.84 -18.82 17.90
CA TYR C 80 -23.61 -19.02 18.67
C TYR C 80 -22.34 -19.17 17.89
N LEU C 81 -21.22 -18.80 18.47
CA LEU C 81 -19.93 -19.00 17.86
C LEU C 81 -19.16 -19.83 18.88
N GLN C 82 -18.57 -20.95 18.47
CA GLN C 82 -17.94 -21.85 19.41
C GLN C 82 -16.55 -22.38 19.08
N TRP C 83 -15.70 -22.49 20.09
CA TRP C 83 -14.36 -23.01 19.90
C TRP C 83 -14.04 -24.19 20.81
N ASN C 84 -13.64 -25.33 20.27
CA ASN C 84 -13.18 -26.46 21.11
C ASN C 84 -11.80 -26.23 21.75
N SER C 85 -10.85 -25.70 20.99
CA SER C 85 -9.54 -25.41 21.54
C SER C 85 -9.10 -24.03 21.12
N LEU C 86 -9.01 -23.13 22.06
CA LEU C 86 -8.65 -21.76 21.74
C LEU C 86 -7.21 -21.52 21.48
N LYS C 87 -6.91 -20.45 20.79
CA LYS C 87 -5.55 -20.08 20.53
C LYS C 87 -5.41 -18.62 20.88
N ALA C 88 -4.20 -18.19 21.16
CA ALA C 88 -3.94 -16.81 21.49
C ALA C 88 -4.29 -15.95 20.32
N SER C 89 -4.19 -16.51 19.13
CA SER C 89 -4.51 -15.81 17.92
C SER C 89 -6.00 -15.48 17.85
N ASP C 90 -6.79 -16.12 18.70
CA ASP C 90 -8.21 -15.87 18.75
C ASP C 90 -8.57 -14.64 19.56
N THR C 91 -7.58 -13.94 20.10
CA THR C 91 -7.85 -12.80 20.93
C THR C 91 -8.38 -11.68 20.07
N ALA C 92 -9.61 -11.23 20.34
CA ALA C 92 -10.25 -10.23 19.51
C ALA C 92 -11.62 -9.80 19.97
N MET C 93 -12.21 -8.89 19.24
CA MET C 93 -13.58 -8.50 19.49
C MET C 93 -14.41 -9.19 18.44
N TYR C 94 -15.48 -9.83 18.85
CA TYR C 94 -16.32 -10.57 17.93
C TYR C 94 -17.70 -9.96 17.81
N TYR C 95 -18.17 -9.84 16.59
CA TYR C 95 -19.48 -9.30 16.36
C TYR C 95 -20.41 -10.23 15.66
N CYS C 96 -21.67 -10.16 16.02
CA CYS C 96 -22.67 -10.90 15.27
C CYS C 96 -23.45 -9.84 14.53
N ALA C 97 -23.97 -10.16 13.37
CA ALA C 97 -24.82 -9.25 12.64
C ALA C 97 -25.86 -9.95 11.82
N ARG C 98 -27.00 -9.31 11.65
CA ARG C 98 -28.03 -9.83 10.80
C ARG C 98 -27.64 -9.51 9.37
N LEU C 99 -27.94 -10.41 8.46
CA LEU C 99 -27.66 -10.16 7.06
C LEU C 99 -28.88 -10.04 6.17
N PRO C 100 -29.31 -8.81 5.94
CA PRO C 100 -30.39 -8.64 4.99
C PRO C 100 -29.91 -8.96 3.59
N GLN C 101 -30.82 -9.40 2.75
CA GLN C 101 -30.45 -9.82 1.41
C GLN C 101 -31.35 -9.47 0.26
N TYR C 102 -30.77 -9.33 -0.92
CA TYR C 102 -31.57 -9.15 -2.12
C TYR C 102 -31.33 -10.38 -2.99
N CYS C 103 -32.39 -10.96 -3.48
CA CYS C 103 -32.29 -12.18 -4.27
C CYS C 103 -33.01 -12.20 -5.61
N SER C 104 -32.38 -12.74 -6.63
CA SER C 104 -33.05 -12.86 -7.91
C SER C 104 -32.64 -14.21 -8.41
N ASN C 105 -33.60 -15.08 -8.83
CA ASN C 105 -33.35 -16.42 -9.36
C ASN C 105 -32.57 -17.31 -8.41
N GLY C 106 -32.77 -17.13 -7.12
CA GLY C 106 -32.06 -17.91 -6.13
C GLY C 106 -30.65 -17.46 -5.81
N VAL C 107 -30.23 -16.39 -6.43
CA VAL C 107 -28.90 -15.90 -6.19
C VAL C 107 -29.05 -14.73 -5.27
N CYS C 108 -28.33 -14.78 -4.16
CA CYS C 108 -28.51 -13.76 -3.17
C CYS C 108 -27.30 -12.94 -2.86
N GLN C 109 -27.51 -11.67 -2.62
CA GLN C 109 -26.43 -10.78 -2.26
C GLN C 109 -26.70 -10.17 -0.88
N ARG C 110 -25.68 -10.06 -0.06
CA ARG C 110 -25.90 -9.62 1.32
C ARG C 110 -25.04 -8.54 1.95
N TRP C 111 -25.55 -7.93 3.00
CA TRP C 111 -24.83 -6.89 3.72
C TRP C 111 -25.18 -7.02 5.21
N PHE C 112 -24.50 -6.28 6.05
CA PHE C 112 -24.71 -6.45 7.48
C PHE C 112 -25.48 -5.33 8.21
N ASP C 113 -26.69 -5.63 8.68
CA ASP C 113 -27.51 -4.68 9.44
C ASP C 113 -28.60 -5.43 10.23
N PRO C 114 -28.81 -5.09 11.49
CA PRO C 114 -27.85 -4.40 12.35
C PRO C 114 -26.74 -5.25 12.95
N TRP C 115 -25.86 -4.62 13.69
CA TRP C 115 -24.78 -5.33 14.35
C TRP C 115 -24.95 -5.36 15.84
N GLY C 116 -24.49 -6.43 16.47
CA GLY C 116 -24.48 -6.52 17.90
C GLY C 116 -23.41 -5.68 18.57
N GLN C 117 -23.52 -5.45 19.86
CA GLN C 117 -22.58 -4.61 20.62
C GLN C 117 -21.17 -5.14 20.69
N GLY C 118 -21.03 -6.43 20.52
CA GLY C 118 -19.74 -7.05 20.54
C GLY C 118 -19.38 -7.82 21.77
N THR C 119 -18.59 -8.85 21.58
CA THR C 119 -18.11 -9.64 22.70
C THR C 119 -16.59 -9.68 22.64
N LEU C 120 -15.94 -9.22 23.70
CA LEU C 120 -14.49 -9.22 23.75
C LEU C 120 -13.91 -10.51 24.32
N VAL C 121 -12.97 -11.09 23.61
CA VAL C 121 -12.34 -12.32 24.03
C VAL C 121 -10.84 -12.18 24.12
N THR C 122 -10.24 -12.56 25.24
CA THR C 122 -8.80 -12.53 25.40
C THR C 122 -8.29 -13.94 25.68
N VAL C 123 -7.38 -14.43 24.86
CA VAL C 123 -6.80 -15.74 25.11
C VAL C 123 -5.30 -15.66 25.39
N SER C 124 -4.89 -16.07 26.58
CA SER C 124 -3.48 -16.03 26.97
C SER C 124 -3.12 -17.08 28.02
N SER C 125 -1.85 -17.45 28.09
CA SER C 125 -1.37 -18.43 29.07
C SER C 125 -1.15 -17.78 30.41
N ALA C 126 -1.28 -16.47 30.45
CA ALA C 126 -1.11 -15.73 31.68
C ALA C 126 -2.20 -15.88 32.69
N SER C 127 -1.92 -15.44 33.90
CA SER C 127 -2.87 -15.58 34.98
C SER C 127 -3.08 -14.24 35.60
N THR C 128 -4.14 -14.07 36.36
CA THR C 128 -4.46 -12.77 36.90
C THR C 128 -3.36 -12.19 37.78
N LYS C 129 -3.02 -10.91 37.59
CA LYS C 129 -1.99 -10.25 38.38
C LYS C 129 -2.22 -8.75 38.47
N GLY C 130 -2.07 -8.19 39.65
CA GLY C 130 -2.20 -6.76 39.83
C GLY C 130 -0.95 -5.98 39.48
N PRO C 131 -1.12 -4.71 39.11
CA PRO C 131 0.00 -3.91 38.64
C PRO C 131 0.88 -3.40 39.77
N SER C 132 2.16 -3.21 39.46
CA SER C 132 3.01 -2.30 40.21
C SER C 132 2.89 -0.90 39.61
N VAL C 133 2.95 0.11 40.47
CA VAL C 133 2.76 1.49 40.04
C VAL C 133 3.99 2.28 40.43
N PHE C 134 4.75 2.75 39.44
CA PHE C 134 5.97 3.49 39.72
C PHE C 134 5.81 4.96 39.31
N PRO C 135 6.41 5.89 40.05
CA PRO C 135 6.29 7.30 39.67
C PRO C 135 7.17 7.62 38.47
N LEU C 136 6.69 8.57 37.68
CA LEU C 136 7.46 9.22 36.60
C LEU C 136 7.70 10.65 37.08
N ALA C 137 8.85 10.90 37.70
CA ALA C 137 9.03 12.16 38.42
C ALA C 137 9.56 13.26 37.52
N PRO C 138 9.01 14.50 37.67
CA PRO C 138 9.57 15.59 36.89
C PRO C 138 10.95 15.99 37.32
N SER C 139 11.84 16.13 36.35
CA SER C 139 13.21 16.48 36.66
C SER C 139 13.35 17.95 36.98
N SER C 140 14.56 18.39 37.23
CA SER C 140 14.75 19.76 37.67
C SER C 140 14.20 20.72 36.65
N LYS C 141 14.58 20.50 35.40
CA LYS C 141 14.13 21.37 34.33
C LYS C 141 13.28 20.56 33.39
N SER C 142 12.02 20.38 33.73
CA SER C 142 11.12 19.72 32.82
C SER C 142 11.00 20.83 31.82
N THR C 143 10.47 21.96 32.25
CA THR C 143 10.44 23.15 31.41
C THR C 143 10.39 24.24 32.47
N SER C 144 11.33 25.16 32.47
CA SER C 144 11.38 26.20 33.47
C SER C 144 10.41 27.16 32.86
N GLY C 145 9.62 26.65 31.91
CA GLY C 145 8.65 27.47 31.22
C GLY C 145 7.39 27.38 31.98
N GLY C 146 7.47 26.79 33.16
CA GLY C 146 6.32 26.70 34.00
C GLY C 146 5.47 25.49 33.72
N THR C 147 5.92 24.64 32.83
CA THR C 147 5.18 23.41 32.62
C THR C 147 6.03 22.21 32.94
N ALA C 148 5.64 21.49 33.97
CA ALA C 148 6.36 20.29 34.34
C ALA C 148 5.49 19.07 34.09
N ALA C 149 6.09 18.01 33.56
CA ALA C 149 5.37 16.78 33.25
C ALA C 149 5.69 15.71 34.29
N LEU C 150 4.67 14.96 34.69
CA LEU C 150 4.85 13.88 35.64
C LEU C 150 3.86 12.78 35.30
N GLY C 151 4.05 11.62 35.91
CA GLY C 151 3.09 10.55 35.67
C GLY C 151 3.32 9.31 36.50
N CYS C 152 2.60 8.24 36.12
CA CYS C 152 2.74 6.93 36.72
C CYS C 152 2.87 5.89 35.61
N LEU C 153 3.79 4.96 35.82
CA LEU C 153 3.91 3.76 35.01
C LEU C 153 3.19 2.63 35.71
N VAL C 154 2.15 2.09 35.08
CA VAL C 154 1.31 1.02 35.63
C VAL C 154 1.72 -0.27 34.93
N LYS C 155 2.50 -1.11 35.63
CA LYS C 155 3.26 -2.17 34.98
C LYS C 155 2.83 -3.58 35.40
N ASP C 156 2.92 -4.51 34.45
CA ASP C 156 2.89 -5.96 34.69
C ASP C 156 1.56 -6.40 35.32
N TYR C 157 0.49 -6.26 34.55
CA TYR C 157 -0.82 -6.65 35.02
C TYR C 157 -1.55 -7.44 33.93
N PHE C 158 -2.60 -8.14 34.34
CA PHE C 158 -3.39 -9.00 33.46
C PHE C 158 -4.64 -9.45 34.18
N PRO C 159 -5.80 -9.46 33.49
CA PRO C 159 -5.93 -8.95 32.13
C PRO C 159 -6.26 -7.46 32.12
N GLU C 160 -6.53 -6.90 30.94
CA GLU C 160 -7.15 -5.59 30.86
C GLU C 160 -8.51 -5.64 31.55
N PRO C 161 -9.08 -4.49 31.95
CA PRO C 161 -8.59 -3.12 31.92
C PRO C 161 -8.09 -2.63 33.27
N VAL C 162 -7.36 -1.51 33.25
CA VAL C 162 -7.03 -0.80 34.47
C VAL C 162 -7.62 0.61 34.33
N THR C 163 -7.91 1.24 35.46
CA THR C 163 -8.38 2.61 35.45
C THR C 163 -7.38 3.46 36.22
N VAL C 164 -7.24 4.73 35.82
CA VAL C 164 -6.28 5.64 36.43
C VAL C 164 -6.94 7.00 36.54
N SER C 165 -6.86 7.61 37.72
CA SER C 165 -7.27 8.98 37.92
C SER C 165 -6.16 9.71 38.67
N TRP C 166 -6.24 11.03 38.67
CA TRP C 166 -5.31 11.84 39.41
C TRP C 166 -6.06 12.61 40.47
N ASN C 167 -5.47 12.67 41.65
CA ASN C 167 -6.08 13.33 42.81
C ASN C 167 -7.56 12.97 42.95
N SER C 168 -7.82 11.66 42.94
CA SER C 168 -9.15 11.09 43.17
C SER C 168 -10.19 11.59 42.17
N GLY C 169 -9.75 12.06 41.00
CA GLY C 169 -10.65 12.64 40.02
C GLY C 169 -10.70 14.15 40.02
N ALA C 170 -10.10 14.81 41.02
CA ALA C 170 -10.09 16.27 41.05
C ALA C 170 -9.23 16.86 39.94
N LEU C 171 -8.22 16.14 39.49
CA LEU C 171 -7.28 16.62 38.48
C LEU C 171 -7.60 15.92 37.17
N THR C 172 -8.19 16.64 36.22
CA THR C 172 -8.46 16.10 34.88
C THR C 172 -7.78 16.86 33.76
N SER C 173 -7.48 18.16 33.94
CA SER C 173 -6.92 18.96 32.85
C SER C 173 -5.49 18.54 32.55
N GLY C 174 -5.22 18.29 31.28
CA GLY C 174 -3.88 17.93 30.85
C GLY C 174 -3.48 16.51 31.13
N VAL C 175 -4.43 15.64 31.46
CA VAL C 175 -4.15 14.23 31.71
C VAL C 175 -4.20 13.49 30.37
N HIS C 176 -3.27 12.55 30.19
CA HIS C 176 -3.27 11.64 29.05
C HIS C 176 -2.96 10.24 29.57
N THR C 177 -3.94 9.36 29.52
CA THR C 177 -3.75 7.96 29.91
C THR C 177 -3.65 7.12 28.63
N PHE C 178 -2.49 6.57 28.39
CA PHE C 178 -2.22 5.89 27.13
C PHE C 178 -2.87 4.50 27.12
N PRO C 179 -3.18 3.98 25.93
CA PRO C 179 -3.66 2.59 25.85
C PRO C 179 -2.57 1.63 26.32
N ALA C 180 -3.00 0.51 26.88
CA ALA C 180 -2.05 -0.46 27.36
C ALA C 180 -1.26 -1.05 26.18
N VAL C 181 -0.07 -1.56 26.47
CA VAL C 181 0.66 -2.38 25.53
C VAL C 181 0.84 -3.76 26.14
N LEU C 182 0.80 -4.77 25.30
CA LEU C 182 1.10 -6.13 25.70
C LEU C 182 2.60 -6.36 25.55
N GLN C 183 3.27 -6.63 26.67
CA GLN C 183 4.71 -6.87 26.65
C GLN C 183 5.01 -8.32 26.28
N SER C 184 6.29 -8.59 26.01
CA SER C 184 6.71 -9.94 25.65
C SER C 184 6.35 -10.93 26.76
N SER C 185 6.29 -10.46 28.00
CA SER C 185 5.94 -11.31 29.14
C SER C 185 4.50 -11.77 29.11
N GLY C 186 3.66 -11.22 28.22
CA GLY C 186 2.24 -11.49 28.30
C GLY C 186 1.51 -10.67 29.33
N LEU C 187 2.19 -9.73 29.99
CA LEU C 187 1.55 -8.84 30.94
C LEU C 187 1.39 -7.47 30.31
N TYR C 188 0.35 -6.75 30.73
CA TYR C 188 0.08 -5.44 30.16
C TYR C 188 0.82 -4.35 30.92
N SER C 189 0.85 -3.16 30.32
CA SER C 189 1.53 -2.01 30.88
C SER C 189 0.98 -0.75 30.22
N LEU C 190 0.59 0.25 31.02
CA LEU C 190 0.30 1.57 30.48
C LEU C 190 0.89 2.63 31.38
N SER C 191 1.05 3.82 30.80
CA SER C 191 1.44 4.99 31.56
C SER C 191 0.35 6.04 31.45
N SER C 192 0.29 6.88 32.48
CA SER C 192 -0.60 8.03 32.59
C SER C 192 0.25 9.23 32.97
N VAL C 193 0.07 10.34 32.27
CA VAL C 193 0.90 11.52 32.49
C VAL C 193 -0.02 12.72 32.64
N VAL C 194 0.51 13.77 33.24
CA VAL C 194 -0.21 15.04 33.37
C VAL C 194 0.82 16.15 33.40
N THR C 195 0.48 17.29 32.82
CA THR C 195 1.34 18.47 32.84
C THR C 195 0.71 19.53 33.72
N VAL C 196 1.54 20.13 34.57
CA VAL C 196 1.06 21.00 35.65
C VAL C 196 1.96 22.21 35.74
N PRO C 197 1.48 23.29 36.36
CA PRO C 197 2.35 24.45 36.60
C PRO C 197 3.59 24.05 37.39
N SER C 198 4.76 24.41 36.85
CA SER C 198 6.00 24.19 37.59
C SER C 198 5.96 24.88 38.95
N SER C 199 5.25 26.00 39.03
CA SER C 199 5.12 26.74 40.29
C SER C 199 4.36 25.94 41.33
N SER C 200 3.37 25.16 40.91
CA SER C 200 2.63 24.32 41.85
C SER C 200 3.48 23.17 42.41
N LEU C 201 4.62 22.83 41.76
CA LEU C 201 5.43 21.75 42.32
C LEU C 201 5.98 22.20 43.66
N GLY C 202 5.61 21.52 44.74
CA GLY C 202 5.99 21.90 46.09
C GLY C 202 4.84 22.39 46.94
N THR C 203 3.71 22.75 46.33
CA THR C 203 2.51 23.18 47.04
C THR C 203 1.33 22.23 46.88
N GLN C 204 1.16 21.62 45.70
CA GLN C 204 0.10 20.67 45.43
C GLN C 204 0.70 19.28 45.34
N THR C 205 0.17 18.36 46.13
CA THR C 205 0.57 16.96 46.04
C THR C 205 -0.11 16.30 44.85
N TYR C 206 0.64 15.47 44.14
CA TYR C 206 0.12 14.77 42.98
C TYR C 206 0.14 13.28 43.26
N ILE C 207 -1.04 12.67 43.21
CA ILE C 207 -1.24 11.25 43.44
C ILE C 207 -2.00 10.68 42.25
N CYS C 208 -1.54 9.55 41.75
CA CYS C 208 -2.27 8.81 40.76
C CYS C 208 -2.96 7.63 41.44
N ASN C 209 -4.23 7.39 41.08
CA ASN C 209 -5.06 6.35 41.67
C ASN C 209 -5.32 5.27 40.65
N VAL C 210 -4.76 4.08 40.86
CA VAL C 210 -4.87 2.96 39.95
C VAL C 210 -5.83 1.93 40.55
N ASN C 211 -6.77 1.46 39.76
CA ASN C 211 -7.69 0.40 40.17
C ASN C 211 -7.63 -0.70 39.13
N HIS C 212 -7.38 -1.92 39.57
CA HIS C 212 -7.37 -3.12 38.72
C HIS C 212 -8.38 -4.09 39.32
N LYS C 213 -9.62 -4.00 38.86
CA LYS C 213 -10.70 -4.79 39.41
C LYS C 213 -10.54 -6.31 39.22
N PRO C 214 -10.04 -6.82 38.06
CA PRO C 214 -9.92 -8.28 37.90
C PRO C 214 -9.13 -8.95 39.01
N SER C 215 -8.28 -8.19 39.69
CA SER C 215 -7.52 -8.68 40.83
C SER C 215 -7.82 -7.90 42.11
N ASN C 216 -8.80 -7.00 42.07
CA ASN C 216 -9.21 -6.21 43.23
C ASN C 216 -8.05 -5.40 43.82
N THR C 217 -7.14 -4.92 42.97
CA THR C 217 -6.02 -4.09 43.42
C THR C 217 -6.39 -2.62 43.34
N LYS C 218 -5.96 -1.85 44.33
CA LYS C 218 -6.17 -0.41 44.36
C LYS C 218 -4.92 0.22 44.96
N VAL C 219 -4.12 0.90 44.14
CA VAL C 219 -2.85 1.47 44.57
C VAL C 219 -2.87 2.97 44.33
N ASP C 220 -2.29 3.73 45.26
CA ASP C 220 -2.15 5.18 45.17
C ASP C 220 -0.67 5.52 45.32
N LYS C 221 -0.12 6.22 44.32
CA LYS C 221 1.30 6.58 44.33
C LYS C 221 1.48 8.09 44.27
N LYS C 222 2.23 8.62 45.23
CA LYS C 222 2.62 10.02 45.21
C LYS C 222 3.76 10.21 44.22
N VAL C 223 3.65 11.24 43.38
CA VAL C 223 4.69 11.53 42.40
C VAL C 223 5.37 12.84 42.83
N GLU C 224 6.63 12.71 43.25
CA GLU C 224 7.45 13.73 43.88
C GLU C 224 8.70 14.00 43.05
N PRO C 225 9.10 15.29 42.95
CA PRO C 225 10.39 15.52 42.29
C PRO C 225 11.51 15.09 43.23
N LYS C 226 12.46 14.30 42.76
CA LYS C 226 13.50 13.80 43.67
C LYS C 226 14.37 14.90 44.20
N GLU D 1 -10.36 -14.89 -3.32
CA GLU D 1 -10.92 -13.89 -2.45
C GLU D 1 -10.90 -12.58 -3.16
N ILE D 2 -12.05 -11.92 -3.27
CA ILE D 2 -12.03 -10.60 -3.83
C ILE D 2 -11.42 -9.69 -2.78
N VAL D 3 -10.25 -9.17 -3.04
CA VAL D 3 -9.58 -8.25 -2.14
C VAL D 3 -10.06 -6.83 -2.46
N LEU D 4 -10.45 -6.09 -1.43
CA LEU D 4 -10.88 -4.71 -1.58
C LEU D 4 -9.80 -3.81 -0.99
N THR D 5 -9.43 -2.78 -1.74
CA THR D 5 -8.35 -1.88 -1.37
C THR D 5 -8.97 -0.50 -1.17
N GLN D 6 -8.86 0.05 0.03
CA GLN D 6 -9.35 1.39 0.32
C GLN D 6 -8.18 2.34 0.32
N SER D 7 -8.41 3.55 -0.19
CA SER D 7 -7.45 4.64 -0.19
C SER D 7 -8.20 5.96 -0.08
N PRO D 8 -7.63 6.97 0.60
CA PRO D 8 -6.37 6.85 1.35
C PRO D 8 -6.58 6.07 2.65
N SER D 9 -5.49 5.63 3.31
CA SER D 9 -5.63 4.94 4.59
C SER D 9 -6.15 5.88 5.68
N SER D 10 -5.92 7.18 5.52
CA SER D 10 -6.30 8.17 6.51
C SER D 10 -6.49 9.50 5.80
N VAL D 11 -7.46 10.27 6.28
CA VAL D 11 -7.79 11.58 5.72
C VAL D 11 -8.03 12.55 6.88
N SER D 12 -7.47 13.76 6.76
CA SER D 12 -7.61 14.81 7.77
C SER D 12 -8.46 15.93 7.19
N ALA D 13 -9.53 16.30 7.89
CA ALA D 13 -10.48 17.25 7.35
C ALA D 13 -11.10 18.07 8.47
N SER D 14 -11.83 19.12 8.09
CA SER D 14 -12.54 19.95 9.06
C SER D 14 -14.03 19.96 8.76
N VAL D 15 -14.78 20.41 9.77
CA VAL D 15 -16.22 20.54 9.63
C VAL D 15 -16.52 21.45 8.46
N GLY D 16 -17.39 21.00 7.57
CA GLY D 16 -17.69 21.68 6.33
C GLY D 16 -16.96 21.16 5.11
N ASP D 17 -15.91 20.35 5.30
CA ASP D 17 -15.10 19.90 4.19
C ASP D 17 -15.85 18.82 3.40
N ARG D 18 -15.41 18.65 2.15
CA ARG D 18 -15.86 17.56 1.29
C ARG D 18 -14.77 16.48 1.26
N VAL D 19 -15.16 15.22 1.45
CA VAL D 19 -14.21 14.12 1.59
C VAL D 19 -14.63 12.96 0.71
N THR D 20 -13.66 12.37 0.02
CA THR D 20 -13.90 11.28 -0.93
C THR D 20 -13.03 10.09 -0.52
N ILE D 21 -13.67 8.94 -0.31
CA ILE D 21 -12.98 7.69 0.01
C ILE D 21 -13.28 6.70 -1.11
N THR D 22 -12.27 5.97 -1.56
CA THR D 22 -12.47 5.02 -2.64
C THR D 22 -12.19 3.59 -2.16
N CYS D 23 -12.88 2.64 -2.81
CA CYS D 23 -12.76 1.21 -2.53
C CYS D 23 -12.63 0.48 -3.86
N ARG D 24 -11.53 -0.24 -4.05
CA ARG D 24 -11.20 -0.90 -5.31
C ARG D 24 -11.23 -2.42 -5.10
N ALA D 25 -12.06 -3.10 -5.89
CA ALA D 25 -12.15 -4.57 -5.84
C ALA D 25 -11.28 -5.19 -6.93
N SER D 26 -10.58 -6.27 -6.57
CA SER D 26 -9.73 -6.94 -7.54
C SER D 26 -10.53 -7.66 -8.63
N GLN D 27 -11.82 -7.91 -8.41
CA GLN D 27 -12.70 -8.47 -9.43
C GLN D 27 -14.07 -7.82 -9.33
N GLY D 28 -14.77 -7.77 -10.46
CA GLY D 28 -16.12 -7.23 -10.50
C GLY D 28 -17.04 -7.82 -9.43
N ILE D 29 -17.86 -6.98 -8.79
CA ILE D 29 -18.77 -7.41 -7.74
C ILE D 29 -20.15 -6.85 -8.05
N SER D 30 -20.37 -6.47 -9.32
CA SER D 30 -21.58 -5.79 -9.75
C SER D 30 -21.70 -4.53 -8.90
N SER D 31 -22.83 -4.26 -8.26
CA SER D 31 -22.93 -3.11 -7.39
C SER D 31 -23.13 -3.50 -5.92
N TRP D 32 -22.75 -4.74 -5.55
CA TRP D 32 -23.03 -5.24 -4.21
C TRP D 32 -21.87 -4.90 -3.26
N LEU D 33 -21.71 -3.60 -3.04
CA LEU D 33 -20.74 -3.05 -2.11
C LEU D 33 -21.44 -2.20 -1.05
N ALA D 34 -21.11 -2.43 0.23
CA ALA D 34 -21.70 -1.67 1.33
C ALA D 34 -20.61 -0.87 2.03
N TRP D 35 -21.04 0.21 2.71
CA TRP D 35 -20.13 1.07 3.47
C TRP D 35 -20.59 1.13 4.93
N TYR D 36 -19.64 0.98 5.85
CA TYR D 36 -19.91 1.04 7.29
C TYR D 36 -19.11 2.16 7.94
N GLN D 37 -19.67 2.70 9.01
CA GLN D 37 -18.97 3.64 9.88
C GLN D 37 -18.79 3.00 11.25
N GLN D 38 -17.59 3.17 11.81
CA GLN D 38 -17.28 2.65 13.12
C GLN D 38 -16.51 3.62 13.99
N LYS D 39 -17.06 3.96 15.15
CA LYS D 39 -16.39 4.79 16.14
C LYS D 39 -15.73 3.93 17.19
N PRO D 40 -14.70 4.44 17.86
CA PRO D 40 -13.91 3.58 18.76
C PRO D 40 -14.76 3.01 19.89
N GLY D 41 -14.66 1.70 20.07
CA GLY D 41 -15.39 0.99 21.09
C GLY D 41 -16.80 0.55 20.71
N LYS D 42 -17.29 0.93 19.52
CA LYS D 42 -18.66 0.67 19.15
C LYS D 42 -18.74 -0.26 17.95
N ALA D 43 -19.91 -0.86 17.76
CA ALA D 43 -20.14 -1.71 16.61
C ALA D 43 -20.21 -0.87 15.33
N PRO D 44 -19.79 -1.44 14.19
CA PRO D 44 -20.01 -0.78 12.90
C PRO D 44 -21.50 -0.54 12.67
N LYS D 45 -21.79 0.51 11.89
CA LYS D 45 -23.14 0.85 11.48
C LYS D 45 -23.20 1.01 9.97
N LEU D 46 -24.22 0.39 9.35
CA LEU D 46 -24.44 0.51 7.92
C LEU D 46 -24.80 1.95 7.57
N LEU D 47 -24.18 2.47 6.51
CA LEU D 47 -24.53 3.76 5.92
C LEU D 47 -25.13 3.63 4.54
N ILE D 48 -24.59 2.73 3.71
CA ILE D 48 -24.92 2.59 2.30
C ILE D 48 -24.80 1.11 1.92
N TYR D 49 -25.82 0.59 1.21
CA TYR D 49 -25.78 -0.75 0.64
C TYR D 49 -26.05 -0.69 -0.86
N ALA D 50 -25.68 -1.75 -1.56
CA ALA D 50 -25.82 -1.83 -3.02
C ALA D 50 -25.25 -0.59 -3.69
N ALA D 51 -24.02 -0.23 -3.29
CA ALA D 51 -23.20 0.85 -3.84
C ALA D 51 -23.72 2.26 -3.54
N SER D 52 -25.04 2.49 -3.66
CA SER D 52 -25.55 3.85 -3.60
C SER D 52 -26.86 4.03 -2.86
N SER D 53 -27.38 3.00 -2.17
CA SER D 53 -28.66 3.11 -1.44
C SER D 53 -28.42 3.56 -0.01
N LEU D 54 -29.03 4.67 0.37
CA LEU D 54 -28.91 5.21 1.71
C LEU D 54 -29.69 4.36 2.70
N GLN D 55 -29.02 3.91 3.76
CA GLN D 55 -29.73 3.30 4.87
C GLN D 55 -30.67 4.32 5.52
N SER D 56 -31.82 3.84 5.99
CA SER D 56 -32.79 4.67 6.68
C SER D 56 -32.15 5.41 7.86
N GLY D 57 -32.35 6.73 7.91
CA GLY D 57 -31.84 7.57 8.97
C GLY D 57 -30.51 8.24 8.67
N VAL D 58 -29.78 7.77 7.67
CA VAL D 58 -28.48 8.35 7.34
C VAL D 58 -28.69 9.63 6.54
N PRO D 59 -27.91 10.70 6.85
CA PRO D 59 -28.17 11.88 6.06
C PRO D 59 -27.67 11.87 4.64
N SER D 60 -28.29 12.67 3.79
CA SER D 60 -27.94 12.73 2.38
C SER D 60 -26.56 13.26 2.07
N ARG D 61 -25.94 13.94 3.02
CA ARG D 61 -24.56 14.36 2.83
C ARG D 61 -23.75 13.12 2.50
N PHE D 62 -24.16 11.96 2.97
CA PHE D 62 -23.49 10.72 2.57
C PHE D 62 -24.10 10.22 1.27
N SER D 63 -23.26 9.86 0.31
CA SER D 63 -23.71 9.21 -0.91
C SER D 63 -22.60 8.34 -1.47
N GLY D 64 -22.96 7.25 -2.14
CA GLY D 64 -21.99 6.35 -2.71
C GLY D 64 -22.23 6.17 -4.20
N SER D 65 -21.18 5.74 -4.90
CA SER D 65 -21.31 5.48 -6.33
C SER D 65 -20.26 4.47 -6.78
N GLY D 66 -20.41 4.03 -8.03
CA GLY D 66 -19.50 3.09 -8.64
C GLY D 66 -20.19 1.80 -9.03
N SER D 67 -19.46 1.01 -9.82
CA SER D 67 -19.88 -0.31 -10.27
C SER D 67 -18.65 -1.03 -10.81
N GLY D 68 -18.78 -2.35 -10.97
CA GLY D 68 -17.64 -3.10 -11.44
C GLY D 68 -16.60 -3.23 -10.35
N THR D 69 -15.52 -2.43 -10.45
CA THR D 69 -14.43 -2.57 -9.50
C THR D 69 -14.07 -1.30 -8.73
N ASP D 70 -14.62 -0.13 -9.09
CA ASP D 70 -14.24 1.14 -8.47
C ASP D 70 -15.44 1.78 -7.82
N PHE D 71 -15.33 2.08 -6.53
CA PHE D 71 -16.45 2.58 -5.75
C PHE D 71 -15.97 3.75 -4.92
N THR D 72 -16.89 4.66 -4.62
CA THR D 72 -16.58 5.91 -3.96
C THR D 72 -17.64 6.18 -2.90
N LEU D 73 -17.19 6.60 -1.72
CA LEU D 73 -18.05 7.21 -0.71
C LEU D 73 -17.72 8.70 -0.64
N THR D 74 -18.75 9.54 -0.68
CA THR D 74 -18.53 10.98 -0.60
C THR D 74 -19.36 11.54 0.55
N ILE D 75 -18.74 12.38 1.38
CA ILE D 75 -19.44 13.20 2.38
C ILE D 75 -19.33 14.65 1.96
N SER D 76 -20.43 15.28 1.58
CA SER D 76 -20.36 16.57 0.91
C SER D 76 -19.90 17.69 1.86
N SER D 77 -20.41 17.73 3.10
CA SER D 77 -20.02 18.76 4.07
C SER D 77 -19.93 18.11 5.44
N LEU D 78 -18.70 17.81 5.87
CA LEU D 78 -18.45 17.06 7.08
C LEU D 78 -19.08 17.70 8.32
N GLN D 79 -19.53 16.87 9.23
CA GLN D 79 -20.06 17.28 10.52
C GLN D 79 -19.27 16.60 11.62
N PRO D 80 -19.26 17.16 12.85
CA PRO D 80 -18.37 16.62 13.88
C PRO D 80 -18.60 15.16 14.19
N GLU D 81 -19.82 14.66 13.98
CA GLU D 81 -20.17 13.27 14.25
C GLU D 81 -19.68 12.31 13.18
N ASP D 82 -19.11 12.82 12.08
CA ASP D 82 -18.62 12.01 10.99
C ASP D 82 -17.18 11.53 11.20
N PHE D 83 -16.47 12.04 12.19
CA PHE D 83 -15.11 11.59 12.42
C PHE D 83 -15.13 10.17 12.97
N ALA D 84 -14.54 9.25 12.22
CA ALA D 84 -14.70 7.82 12.44
C ALA D 84 -13.82 7.02 11.47
N THR D 85 -13.88 5.70 11.57
CA THR D 85 -13.28 4.83 10.58
C THR D 85 -14.38 4.28 9.66
N TYR D 86 -14.07 4.17 8.38
CA TYR D 86 -15.05 3.75 7.38
C TYR D 86 -14.55 2.52 6.65
N TYR D 87 -15.46 1.56 6.41
CA TYR D 87 -15.13 0.29 5.78
C TYR D 87 -16.07 0.00 4.62
N CYS D 88 -15.53 -0.53 3.53
CA CYS D 88 -16.35 -1.11 2.47
C CYS D 88 -16.39 -2.63 2.63
N GLN D 89 -17.45 -3.23 2.07
CA GLN D 89 -17.68 -4.68 2.15
C GLN D 89 -18.38 -5.14 0.88
N GLN D 90 -17.92 -6.21 0.26
CA GLN D 90 -18.61 -6.79 -0.89
C GLN D 90 -19.42 -8.00 -0.44
N GLY D 91 -20.65 -8.09 -0.91
CA GLY D 91 -21.51 -9.24 -0.64
C GLY D 91 -21.95 -9.96 -1.89
N ASN D 92 -21.17 -9.84 -2.98
CA ASN D 92 -21.54 -10.49 -4.23
C ASN D 92 -21.10 -11.94 -4.28
N SER D 93 -20.04 -12.32 -3.57
CA SER D 93 -19.56 -13.68 -3.69
C SER D 93 -18.73 -14.07 -2.46
N PHE D 94 -18.79 -15.36 -2.11
CA PHE D 94 -18.11 -15.95 -0.96
C PHE D 94 -16.61 -16.13 -1.26
N PRO D 95 -15.74 -15.94 -0.26
CA PRO D 95 -16.11 -15.38 1.05
C PRO D 95 -16.32 -13.86 0.99
N TYR D 96 -17.22 -13.37 1.85
CA TYR D 96 -17.43 -11.94 1.97
C TYR D 96 -16.17 -11.29 2.52
N THR D 97 -15.85 -10.10 2.01
CA THR D 97 -14.60 -9.44 2.35
C THR D 97 -14.86 -7.97 2.62
N PHE D 98 -13.98 -7.39 3.42
CA PHE D 98 -13.99 -5.99 3.81
C PHE D 98 -12.72 -5.31 3.33
N GLY D 99 -12.83 -4.01 3.03
CA GLY D 99 -11.64 -3.19 2.88
C GLY D 99 -10.94 -3.00 4.21
N GLN D 100 -9.70 -2.53 4.15
CA GLN D 100 -8.88 -2.40 5.35
C GLN D 100 -9.21 -1.16 6.18
N GLY D 101 -10.16 -0.33 5.76
CA GLY D 101 -10.59 0.80 6.56
C GLY D 101 -9.86 2.09 6.22
N THR D 102 -10.58 3.21 6.21
CA THR D 102 -10.01 4.55 6.10
C THR D 102 -10.40 5.33 7.35
N ASN D 103 -9.40 5.87 8.04
CA ASN D 103 -9.61 6.71 9.22
C ASN D 103 -9.85 8.17 8.81
N LEU D 104 -10.93 8.76 9.36
CA LEU D 104 -11.28 10.15 9.14
C LEU D 104 -11.00 10.94 10.41
N GLU D 105 -10.02 11.85 10.34
CA GLU D 105 -9.41 12.51 11.49
C GLU D 105 -9.56 14.02 11.40
N ILE D 106 -9.56 14.70 12.56
CA ILE D 106 -9.78 16.15 12.62
C ILE D 106 -8.49 16.90 12.25
N LYS D 107 -8.60 17.78 11.25
CA LYS D 107 -7.46 18.58 10.80
C LYS D 107 -7.28 19.80 11.70
N ARG D 108 -6.04 20.19 11.94
CA ARG D 108 -5.72 21.38 12.72
C ARG D 108 -4.32 21.85 12.34
N THR D 109 -3.87 22.92 12.98
CA THR D 109 -2.57 23.46 12.61
C THR D 109 -1.46 22.61 13.23
N VAL D 110 -0.32 22.60 12.54
CA VAL D 110 0.86 21.89 13.03
C VAL D 110 1.14 22.29 14.47
N ALA D 111 1.47 21.30 15.29
CA ALA D 111 1.91 21.54 16.66
C ALA D 111 3.07 20.61 16.95
N ALA D 112 4.20 21.18 17.37
CA ALA D 112 5.35 20.35 17.65
C ALA D 112 5.18 19.66 19.00
N PRO D 113 5.77 18.48 19.18
CA PRO D 113 5.71 17.83 20.49
C PRO D 113 6.59 18.53 21.53
N SER D 114 6.08 18.59 22.77
CA SER D 114 6.90 18.85 23.95
C SER D 114 7.44 17.52 24.45
N VAL D 115 8.76 17.35 24.46
CA VAL D 115 9.38 16.08 24.76
C VAL D 115 9.89 16.07 26.20
N PHE D 116 9.67 14.96 26.91
CA PHE D 116 10.21 14.75 28.24
C PHE D 116 10.72 13.32 28.36
N ILE D 117 11.84 13.13 29.04
CA ILE D 117 12.39 11.81 29.31
C ILE D 117 12.33 11.52 30.80
N PHE D 118 11.99 10.27 31.16
CA PHE D 118 11.87 9.84 32.54
C PHE D 118 12.80 8.65 32.77
N PRO D 119 13.72 8.70 33.72
CA PRO D 119 14.53 7.52 34.02
C PRO D 119 13.75 6.53 34.86
N PRO D 120 14.23 5.29 35.01
CA PRO D 120 13.57 4.37 35.95
C PRO D 120 13.59 4.95 37.35
N SER D 121 12.45 4.88 38.03
CA SER D 121 12.35 5.30 39.42
C SER D 121 13.15 4.36 40.34
N ASP D 122 13.47 4.86 41.55
CA ASP D 122 14.20 4.02 42.51
C ASP D 122 13.38 2.80 42.90
N GLU D 123 12.06 2.97 43.04
CA GLU D 123 11.20 1.84 43.39
C GLU D 123 11.27 0.73 42.35
N GLN D 124 11.26 1.09 41.06
CA GLN D 124 11.32 0.05 40.03
C GLN D 124 12.68 -0.64 40.06
N LEU D 125 13.74 0.12 40.22
CA LEU D 125 15.06 -0.47 40.27
C LEU D 125 15.23 -1.41 41.47
N LYS D 126 14.66 -1.06 42.61
CA LYS D 126 14.72 -1.96 43.75
C LYS D 126 13.98 -3.23 43.44
N SER D 127 12.89 -3.14 42.72
CA SER D 127 12.14 -4.30 42.32
C SER D 127 12.87 -5.21 41.34
N GLY D 128 13.89 -4.70 40.65
CA GLY D 128 14.67 -5.55 39.78
C GLY D 128 14.52 -5.32 38.28
N THR D 129 13.81 -4.29 37.85
CA THR D 129 13.64 -4.03 36.43
C THR D 129 13.88 -2.56 36.14
N ALA D 130 13.84 -2.21 34.86
CA ALA D 130 14.16 -0.85 34.43
C ALA D 130 13.33 -0.46 33.22
N SER D 131 12.56 0.61 33.35
CA SER D 131 11.82 1.19 32.24
C SER D 131 12.19 2.66 32.07
N VAL D 132 12.64 3.04 30.88
CA VAL D 132 12.86 4.43 30.52
C VAL D 132 11.69 4.89 29.65
N VAL D 133 11.12 6.04 29.97
CA VAL D 133 9.91 6.53 29.30
C VAL D 133 10.21 7.85 28.62
N CYS D 134 9.79 7.97 27.36
CA CYS D 134 9.87 9.22 26.60
C CYS D 134 8.45 9.65 26.26
N LEU D 135 8.13 10.90 26.57
CA LEU D 135 6.79 11.45 26.33
C LEU D 135 6.84 12.50 25.22
N LEU D 136 5.94 12.39 24.27
CA LEU D 136 5.78 13.41 23.23
C LEU D 136 4.39 13.99 23.46
N ASN D 137 4.31 15.23 23.90
CA ASN D 137 3.04 15.74 24.37
C ASN D 137 2.43 16.74 23.39
N ASN D 138 1.14 16.52 23.07
CA ASN D 138 0.27 17.49 22.41
C ASN D 138 0.82 17.92 21.04
N PHE D 139 1.00 16.95 20.14
CA PHE D 139 1.49 17.26 18.79
C PHE D 139 0.45 17.00 17.71
N TYR D 140 0.70 17.59 16.52
CA TYR D 140 -0.09 17.40 15.30
C TYR D 140 0.74 17.80 14.08
N PRO D 141 0.74 16.99 13.01
CA PRO D 141 -0.05 15.77 12.82
C PRO D 141 0.55 14.53 13.49
N ARG D 142 -0.14 13.39 13.29
CA ARG D 142 0.16 12.18 14.04
C ARG D 142 1.57 11.65 13.78
N GLU D 143 2.09 11.83 12.56
CA GLU D 143 3.38 11.25 12.19
C GLU D 143 4.50 11.74 13.10
N ALA D 144 5.19 10.79 13.74
CA ALA D 144 6.22 11.14 14.71
C ALA D 144 7.16 9.95 14.83
N LYS D 145 8.46 10.21 14.76
CA LYS D 145 9.45 9.15 14.94
C LYS D 145 10.20 9.34 16.24
N VAL D 146 10.40 8.25 16.97
CA VAL D 146 11.13 8.25 18.23
C VAL D 146 12.31 7.31 18.06
N GLN D 147 13.51 7.80 18.40
CA GLN D 147 14.73 7.00 18.27
C GLN D 147 15.47 7.00 19.59
N TRP D 148 15.71 5.80 20.14
CA TRP D 148 16.43 5.64 21.39
C TRP D 148 17.90 5.37 21.14
N LYS D 149 18.74 6.01 21.96
CA LYS D 149 20.19 5.77 21.93
C LYS D 149 20.69 5.55 23.35
N VAL D 150 21.57 4.58 23.51
CA VAL D 150 22.22 4.29 24.80
C VAL D 150 23.72 4.37 24.58
N ASP D 151 24.37 5.33 25.26
CA ASP D 151 25.79 5.63 25.05
C ASP D 151 26.08 5.75 23.54
N ASN D 152 25.25 6.53 22.85
CA ASN D 152 25.30 6.77 21.41
C ASN D 152 24.99 5.54 20.58
N ALA D 153 24.69 4.39 21.19
CA ALA D 153 24.35 3.20 20.42
C ALA D 153 22.87 3.24 20.07
N LEU D 154 22.58 3.25 18.77
CA LEU D 154 21.21 3.20 18.28
C LEU D 154 20.53 1.90 18.71
N GLN D 155 19.43 2.05 19.46
CA GLN D 155 18.65 0.93 19.96
C GLN D 155 17.60 0.50 18.95
N SER D 156 17.28 -0.79 18.99
CA SER D 156 16.32 -1.38 18.05
C SER D 156 15.72 -2.64 18.66
N GLY D 157 14.39 -2.75 18.61
CA GLY D 157 13.72 -3.98 19.03
C GLY D 157 13.34 -4.08 20.50
N ASN D 158 13.71 -3.11 21.33
CA ASN D 158 13.47 -3.20 22.76
C ASN D 158 12.57 -2.08 23.28
N SER D 159 11.71 -1.51 22.44
CA SER D 159 10.86 -0.42 22.89
C SER D 159 9.46 -0.58 22.31
N GLN D 160 8.49 0.06 22.96
CA GLN D 160 7.09 -0.01 22.55
C GLN D 160 6.45 1.36 22.67
N GLU D 161 5.65 1.71 21.67
CA GLU D 161 4.98 2.99 21.58
C GLU D 161 3.50 2.84 21.87
N SER D 162 2.90 3.90 22.39
CA SER D 162 1.47 3.98 22.61
C SER D 162 1.00 5.39 22.31
N VAL D 163 -0.19 5.52 21.71
CA VAL D 163 -0.69 6.82 21.27
C VAL D 163 -2.11 7.03 21.77
N THR D 164 -2.41 8.25 22.24
CA THR D 164 -3.78 8.58 22.59
C THR D 164 -4.61 8.89 21.34
N GLU D 165 -5.93 8.92 21.51
CA GLU D 165 -6.79 9.49 20.48
C GLU D 165 -6.69 11.01 20.52
N GLN D 166 -7.17 11.65 19.46
CA GLN D 166 -7.14 13.11 19.37
C GLN D 166 -7.82 13.74 20.56
N ASP D 167 -7.14 14.69 21.19
CA ASP D 167 -7.66 15.30 22.42
C ASP D 167 -8.98 16.00 22.13
N SER D 168 -9.96 15.76 23.00
CA SER D 168 -11.32 16.25 22.77
C SER D 168 -11.40 17.78 22.70
N LYS D 169 -10.41 18.49 23.23
CA LYS D 169 -10.43 19.95 23.18
C LYS D 169 -9.48 20.57 22.17
N ASP D 170 -8.22 20.10 22.06
CA ASP D 170 -7.28 20.73 21.12
C ASP D 170 -6.95 19.86 19.91
N SER D 171 -7.54 18.67 19.79
CA SER D 171 -7.35 17.76 18.65
C SER D 171 -5.89 17.38 18.39
N THR D 172 -5.01 17.48 19.41
CA THR D 172 -3.64 16.98 19.30
C THR D 172 -3.57 15.49 19.66
N TYR D 173 -2.41 14.89 19.40
CA TYR D 173 -2.04 13.57 19.88
C TYR D 173 -0.96 13.68 20.94
N SER D 174 -0.86 12.65 21.77
CA SER D 174 0.30 12.45 22.63
C SER D 174 0.81 11.01 22.46
N LEU D 175 2.09 10.82 22.73
CA LEU D 175 2.67 9.50 22.48
C LEU D 175 3.67 9.20 23.57
N SER D 176 3.67 7.95 24.02
CA SER D 176 4.62 7.47 25.00
C SER D 176 5.41 6.34 24.37
N SER D 177 6.73 6.38 24.54
CA SER D 177 7.60 5.30 24.11
C SER D 177 8.35 4.78 25.33
N THR D 178 8.29 3.47 25.55
CA THR D 178 8.92 2.85 26.71
C THR D 178 10.04 1.95 26.22
N LEU D 179 11.27 2.26 26.65
CA LEU D 179 12.43 1.42 26.41
C LEU D 179 12.60 0.46 27.58
N THR D 180 12.78 -0.83 27.29
CA THR D 180 12.98 -1.85 28.29
C THR D 180 14.37 -2.45 28.16
N LEU D 181 15.15 -2.38 29.25
CA LEU D 181 16.41 -3.08 29.39
C LEU D 181 16.37 -3.80 30.73
N SER D 182 17.17 -4.86 30.85
CA SER D 182 17.34 -5.44 32.17
C SER D 182 18.05 -4.46 33.08
N LYS D 183 17.76 -4.55 34.38
CA LYS D 183 18.47 -3.72 35.34
C LYS D 183 19.98 -3.93 35.22
N ALA D 184 20.40 -5.13 34.81
CA ALA D 184 21.83 -5.39 34.63
C ALA D 184 22.40 -4.57 33.49
N ASP D 185 21.72 -4.55 32.34
CA ASP D 185 22.18 -3.75 31.21
C ASP D 185 22.15 -2.26 31.53
N TYR D 186 21.05 -1.81 32.15
CA TYR D 186 20.86 -0.39 32.42
C TYR D 186 21.98 0.15 33.30
N GLU D 187 22.45 -0.67 34.24
CA GLU D 187 23.54 -0.25 35.11
C GLU D 187 24.86 -0.17 34.38
N LYS D 188 24.96 -0.76 33.19
CA LYS D 188 26.21 -0.81 32.44
C LYS D 188 26.42 0.43 31.57
N HIS D 189 25.46 1.34 31.49
CA HIS D 189 25.57 2.47 30.57
C HIS D 189 25.21 3.76 31.29
N LYS D 190 25.67 4.88 30.71
CA LYS D 190 25.52 6.18 31.34
C LYS D 190 24.47 7.06 30.64
N VAL D 191 24.61 7.30 29.35
CA VAL D 191 23.80 8.31 28.65
C VAL D 191 22.61 7.64 28.00
N TYR D 192 21.41 8.02 28.44
CA TYR D 192 20.15 7.57 27.88
C TYR D 192 19.48 8.74 27.17
N ALA D 193 19.00 8.52 25.94
CA ALA D 193 18.60 9.65 25.13
C ALA D 193 17.48 9.25 24.18
N CYS D 194 16.54 10.19 23.99
CA CYS D 194 15.33 10.01 23.19
C CYS D 194 15.34 11.08 22.12
N GLU D 195 15.46 10.68 20.84
CA GLU D 195 15.45 11.62 19.72
C GLU D 195 14.11 11.57 18.98
N VAL D 196 13.52 12.74 18.77
CA VAL D 196 12.17 12.88 18.22
C VAL D 196 12.23 13.66 16.90
N THR D 197 11.56 13.13 15.87
CA THR D 197 11.43 13.80 14.58
C THR D 197 9.97 14.12 14.33
N HIS D 198 9.67 15.38 14.00
CA HIS D 198 8.29 15.78 13.78
C HIS D 198 8.25 17.05 12.94
N GLN D 199 7.27 17.14 12.04
CA GLN D 199 7.27 18.25 11.10
C GLN D 199 7.09 19.60 11.79
N GLY D 200 6.54 19.65 13.00
CA GLY D 200 6.55 20.88 13.78
C GLY D 200 7.92 21.34 14.28
N LEU D 201 8.98 20.57 14.02
CA LEU D 201 10.33 20.92 14.44
C LEU D 201 11.21 21.18 13.21
N SER D 202 12.12 22.15 13.32
CA SER D 202 13.02 22.37 12.20
C SER D 202 14.02 21.22 12.07
N SER D 203 14.35 20.56 13.17
CA SER D 203 15.33 19.46 13.16
C SER D 203 15.01 18.56 14.34
N PRO D 204 15.53 17.32 14.32
CA PRO D 204 15.24 16.41 15.43
C PRO D 204 15.66 16.98 16.78
N VAL D 205 14.84 16.71 17.79
CA VAL D 205 15.06 17.18 19.16
C VAL D 205 15.39 15.99 20.04
N THR D 206 16.38 16.15 20.91
CA THR D 206 16.86 15.09 21.79
C THR D 206 16.69 15.48 23.26
N LYS D 207 16.14 14.58 24.08
CA LYS D 207 16.16 14.70 25.53
C LYS D 207 16.94 13.54 26.10
N SER D 208 17.72 13.81 27.15
CA SER D 208 18.63 12.79 27.64
C SER D 208 18.88 12.97 29.13
N PHE D 209 19.42 11.92 29.76
CA PHE D 209 19.89 12.00 31.13
C PHE D 209 21.13 11.13 31.31
N ASN D 210 21.95 11.47 32.31
CA ASN D 210 23.01 10.58 32.78
C ASN D 210 22.48 9.76 33.95
N ARG D 211 22.63 8.45 33.86
CA ARG D 211 22.18 7.59 34.92
C ARG D 211 22.83 7.96 36.22
N GLY D 212 22.00 8.32 37.19
CA GLY D 212 22.51 8.74 38.47
C GLY D 212 22.83 10.21 38.70
N GLU D 213 22.20 11.09 37.97
CA GLU D 213 22.43 12.48 38.15
C GLU D 213 21.03 13.03 38.00
N ASP E 7 -49.58 -23.54 11.56
CA ASP E 7 -48.32 -24.02 12.16
C ASP E 7 -47.25 -24.21 11.09
N SER E 8 -47.60 -24.90 10.00
CA SER E 8 -46.68 -25.12 8.91
C SER E 8 -46.58 -23.91 7.98
N PHE E 9 -47.49 -22.95 8.12
CA PHE E 9 -47.36 -21.68 7.41
C PHE E 9 -46.08 -20.95 7.84
N LYS E 10 -45.72 -21.05 9.12
CA LYS E 10 -44.51 -20.40 9.63
C LYS E 10 -43.24 -21.03 9.04
N GLU E 11 -43.17 -22.36 9.02
CA GLU E 11 -41.99 -23.01 8.45
C GLU E 11 -41.93 -22.82 6.94
N GLU E 12 -43.08 -22.82 6.26
CA GLU E 12 -43.08 -22.52 4.84
C GLU E 12 -42.47 -21.15 4.59
N LEU E 13 -42.78 -20.17 5.43
CA LEU E 13 -42.22 -18.84 5.25
C LEU E 13 -40.71 -18.82 5.56
N ASP E 14 -40.30 -19.56 6.60
CA ASP E 14 -38.88 -19.67 6.90
C ASP E 14 -38.10 -20.14 5.67
N LYS E 15 -38.57 -21.22 5.02
CA LYS E 15 -37.90 -21.75 3.83
C LYS E 15 -37.90 -20.76 2.67
N TYR E 16 -38.95 -19.97 2.53
CA TYR E 16 -39.03 -19.04 1.41
C TYR E 16 -37.97 -17.96 1.53
N PHE E 17 -37.89 -17.30 2.68
CA PHE E 17 -36.97 -16.17 2.81
C PHE E 17 -35.52 -16.61 2.97
N LYS E 18 -35.23 -17.91 2.94
CA LYS E 18 -33.83 -18.34 2.88
C LYS E 18 -33.16 -17.88 1.59
N ASN E 19 -33.90 -17.85 0.47
CA ASN E 19 -33.30 -17.47 -0.80
C ASN E 19 -34.21 -16.54 -1.60
N HIS E 20 -35.07 -15.80 -0.92
CA HIS E 20 -35.78 -14.67 -1.52
C HIS E 20 -35.42 -13.40 -0.75
N THR E 21 -35.51 -12.26 -1.45
CA THR E 21 -35.25 -10.96 -0.84
C THR E 21 -35.96 -10.85 0.50
N SER E 22 -35.26 -10.24 1.48
CA SER E 22 -35.73 -10.18 2.86
C SER E 22 -36.98 -9.29 3.00
N PRO E 23 -37.77 -9.51 4.05
CA PRO E 23 -39.01 -8.73 4.23
C PRO E 23 -38.82 -7.21 4.33
N ASP E 24 -37.62 -6.72 4.65
CA ASP E 24 -37.42 -5.30 4.90
C ASP E 24 -36.60 -4.57 3.84
N VAL E 25 -36.19 -5.25 2.76
CA VAL E 25 -35.43 -4.61 1.70
C VAL E 25 -36.41 -4.05 0.67
N ASP E 26 -36.26 -2.76 0.35
CA ASP E 26 -37.06 -2.12 -0.69
C ASP E 26 -36.38 -2.22 -2.06
N NH2 E 27 -36.89 -1.46 -3.04
N ASP F 7 -29.73 -22.34 -23.85
CA ASP F 7 -30.40 -22.14 -25.12
C ASP F 7 -29.48 -22.58 -26.26
N SER F 8 -29.95 -23.51 -27.10
CA SER F 8 -29.16 -24.00 -28.22
C SER F 8 -28.89 -22.91 -29.25
N PHE F 9 -29.76 -21.90 -29.33
CA PHE F 9 -29.51 -20.73 -30.16
C PHE F 9 -28.16 -20.09 -29.82
N LYS F 10 -27.80 -20.12 -28.53
CA LYS F 10 -26.54 -19.53 -28.08
C LYS F 10 -25.34 -20.22 -28.70
N GLU F 11 -25.30 -21.56 -28.65
CA GLU F 11 -24.13 -22.28 -29.11
C GLU F 11 -23.93 -22.15 -30.60
N GLU F 12 -25.01 -22.20 -31.38
CA GLU F 12 -24.87 -22.06 -32.82
C GLU F 12 -24.30 -20.70 -33.19
N LEU F 13 -24.74 -19.65 -32.50
CA LEU F 13 -24.19 -18.33 -32.78
C LEU F 13 -22.71 -18.26 -32.38
N ASP F 14 -22.33 -18.98 -31.33
CA ASP F 14 -20.91 -19.06 -30.96
C ASP F 14 -20.09 -19.59 -32.13
N LYS F 15 -20.54 -20.67 -32.75
CA LYS F 15 -19.80 -21.26 -33.86
C LYS F 15 -19.75 -20.31 -35.07
N TYR F 16 -20.79 -19.50 -35.28
CA TYR F 16 -20.81 -18.61 -36.42
C TYR F 16 -19.71 -17.56 -36.34
N PHE F 17 -19.57 -16.91 -35.18
CA PHE F 17 -18.66 -15.78 -35.07
C PHE F 17 -17.21 -16.19 -34.82
N LYS F 18 -16.90 -17.49 -34.78
CA LYS F 18 -15.51 -17.92 -34.75
C LYS F 18 -14.79 -17.55 -36.05
N ASN F 19 -15.49 -17.64 -37.18
CA ASN F 19 -14.90 -17.33 -38.49
C ASN F 19 -15.76 -16.36 -39.30
N HIS F 20 -16.59 -15.55 -38.64
CA HIS F 20 -17.25 -14.43 -39.31
C HIS F 20 -16.92 -13.15 -38.58
N THR F 21 -17.04 -12.03 -39.31
CA THR F 21 -16.76 -10.72 -38.74
C THR F 21 -17.51 -10.53 -37.44
N SER F 22 -16.79 -10.02 -36.42
CA SER F 22 -17.34 -9.85 -35.09
C SER F 22 -18.57 -8.94 -35.12
N PRO F 23 -19.47 -9.08 -34.14
CA PRO F 23 -20.73 -8.33 -34.18
C PRO F 23 -20.58 -6.84 -34.03
N ASP F 24 -19.45 -6.33 -33.55
CA ASP F 24 -19.32 -4.89 -33.35
C ASP F 24 -18.37 -4.19 -34.33
N VAL F 25 -17.92 -4.92 -35.33
CA VAL F 25 -17.01 -4.37 -36.33
C VAL F 25 -17.85 -3.88 -37.51
N ASP F 26 -17.69 -2.61 -37.86
CA ASP F 26 -18.52 -2.01 -38.91
C ASP F 26 -17.79 -1.82 -40.24
N NH2 F 27 -17.97 -2.77 -41.15
NA NA G . 7.13 -15.97 -20.62
NA NA H . 7.54 -7.77 -30.60
NA NA I . 1.52 -25.22 -18.41
NA NA J . 9.76 22.29 -30.56
NA NA K . -1.53 3.62 -22.16
NA NA L . 26.81 -1.23 -10.07
NA NA M . 3.10 -14.78 -41.02
NA NA N . 22.30 3.17 -10.99
NA NA O . 18.13 26.04 -22.41
NA NA P . -1.32 -20.80 -36.01
NA NA Q . -11.15 -4.81 7.34
NA NA R . -31.75 -14.13 27.36
NA NA S . 9.18 -1.86 30.61
NA NA T . 9.60 16.38 10.04
NA NA U . 12.15 17.85 28.79
NA NA V . 6.70 -1.91 26.67
C1 CIT W . 15.17 -1.81 52.62
O1 CIT W . 15.70 -0.68 52.50
O2 CIT W . 14.24 -1.96 53.45
C2 CIT W . 15.65 -2.97 51.77
C3 CIT W . 14.77 -4.19 52.00
O7 CIT W . 13.41 -3.75 52.28
C4 CIT W . 14.73 -5.09 50.76
C5 CIT W . 14.39 -4.31 49.52
O3 CIT W . 13.26 -3.80 49.41
O4 CIT W . 15.24 -4.21 48.58
C6 CIT W . 15.30 -5.00 53.19
O5 CIT W . 14.53 -5.70 53.90
O6 CIT W . 16.51 -4.96 53.49
#